data_7ZZI
#
_entry.id   7ZZI
#
_cell.length_a   125.240
_cell.length_b   125.240
_cell.length_c   120.930
_cell.angle_alpha   90.000
_cell.angle_beta   90.000
_cell.angle_gamma   120.000
#
_symmetry.space_group_name_H-M   'P 31 2 1'
#
loop_
_entity.id
_entity.type
_entity.pdbx_description
1 polymer Phosphotransferase
2 non-polymer alpha-D-glucopyranose
3 non-polymer 'CITRIC ACID'
4 non-polymer 1,2-ETHANEDIOL
5 non-polymer 'TRIETHYLENE GLYCOL'
6 water water
#
_entity_poly.entity_id   1
_entity_poly.type   'polypeptide(L)'
_entity_poly.pdbx_seq_one_letter_code
;MSEYDIAKNDVTYTKLDTIECDIPINEELSWRINKFVNQLRISYSTLEEFVDNFVYELKKGLEAHRKHPNLWIPHECSFK
MLDSCIANIPTGQEKGTYYAIDFGGTNFRAVRASLDGKGKIKRDQETYSLKFTGSYSHEKGLLDKHATASQLFDHFAERI
KYIMGEFNDLDNKEVKSVGFTFSFPCTSPSINCSILIDWTKGFETGRATNDPVEGRDVCKLMNDAFVRAAIPAKVCCVLN
DAVGTLMSCAYQKGRGTPPCYIGIILGTGSNGCYYEPEWKKYKYAGKIINIEFGNFDKDLPTSPIDLVMDWYSANRSRQL
FEKMISGAYLGEIVRRFMVNVLQSACSKKMWISDSFNSESGSVVLNDTSKNFEDSRKVAKAAWDMDFTDEQIYVLRKICE
AVYNRSAALAAGTIAAIAKRIKIIEHSKFTCGVDGSLFVKNAWYCKRLQEHLKVILADKAENLIIIPADDGSGKGAAITA
AVIALNADIPQLP
;
_entity_poly.pdbx_strand_id   A,B
#
loop_
_chem_comp.id
_chem_comp.type
_chem_comp.name
_chem_comp.formula
CIT non-polymer 'CITRIC ACID' 'C6 H8 O7'
EDO non-polymer 1,2-ETHANEDIOL 'C2 H6 O2'
GLC D-saccharide, alpha linking alpha-D-glucopyranose 'C6 H12 O6'
PGE non-polymer 'TRIETHYLENE GLYCOL' 'C6 H14 O4'
#
# COMPACT_ATOMS: atom_id res chain seq x y z
N PRO A 24 10.21 -24.09 -25.42
CA PRO A 24 10.99 -22.98 -25.97
C PRO A 24 10.08 -21.82 -26.42
N ILE A 25 10.42 -20.61 -25.96
CA ILE A 25 9.46 -19.51 -25.82
C ILE A 25 10.00 -18.18 -26.33
N ASN A 26 9.08 -17.34 -26.80
CA ASN A 26 9.38 -15.99 -27.25
C ASN A 26 10.18 -15.22 -26.21
N GLU A 27 11.12 -14.41 -26.68
CA GLU A 27 12.01 -13.69 -25.77
C GLU A 27 11.29 -12.58 -25.00
N GLU A 28 10.37 -11.85 -25.64
CA GLU A 28 9.64 -10.81 -24.90
C GLU A 28 8.81 -11.42 -23.78
N LEU A 29 8.33 -12.65 -23.96
CA LEU A 29 7.66 -13.35 -22.87
C LEU A 29 8.62 -13.69 -21.75
N SER A 30 9.80 -14.23 -22.08
CA SER A 30 10.73 -14.69 -21.05
C SER A 30 11.19 -13.54 -20.18
N TRP A 31 11.35 -12.35 -20.77
CA TRP A 31 11.74 -11.18 -19.99
C TRP A 31 10.67 -10.86 -18.95
N ARG A 32 9.40 -11.00 -19.33
CA ARG A 32 8.34 -10.85 -18.37
C ARG A 32 8.41 -11.93 -17.29
N ILE A 33 8.66 -13.18 -17.70
CA ILE A 33 8.74 -14.27 -16.72
C ILE A 33 9.82 -13.99 -15.70
N ASN A 34 11.00 -13.60 -16.18
CA ASN A 34 12.12 -13.34 -15.27
C ASN A 34 11.80 -12.20 -14.32
N LYS A 35 11.16 -11.14 -14.84
CA LYS A 35 10.85 -9.98 -14.01
C LYS A 35 9.89 -10.33 -12.89
N PHE A 36 8.77 -11.01 -13.22
CA PHE A 36 7.73 -11.20 -12.21
C PHE A 36 8.05 -12.32 -11.22
N VAL A 37 8.70 -13.41 -11.66
CA VAL A 37 9.14 -14.39 -10.68
C VAL A 37 10.09 -13.73 -9.69
N ASN A 38 10.92 -12.79 -10.16
CA ASN A 38 11.86 -12.15 -9.25
C ASN A 38 11.18 -11.37 -8.15
N GLN A 39 9.93 -10.93 -8.35
CA GLN A 39 9.24 -10.32 -7.22
C GLN A 39 8.87 -11.36 -6.18
N LEU A 40 8.92 -12.64 -6.53
CA LEU A 40 8.50 -13.71 -5.64
C LEU A 40 9.63 -14.54 -5.06
N ARG A 41 10.90 -14.24 -5.40
CA ARG A 41 12.03 -14.98 -4.85
C ARG A 41 12.26 -14.66 -3.38
N ILE A 42 12.71 -15.65 -2.62
CA ILE A 42 13.07 -15.49 -1.22
C ILE A 42 14.45 -16.12 -1.02
N SER A 43 15.47 -15.29 -0.89
CA SER A 43 16.81 -15.79 -0.66
C SER A 43 16.92 -16.31 0.78
N TYR A 44 17.90 -17.21 0.97
CA TYR A 44 18.10 -17.78 2.30
C TYR A 44 18.47 -16.71 3.34
N SER A 45 19.21 -15.67 2.93
CA SER A 45 19.55 -14.64 3.91
C SER A 45 18.29 -13.91 4.40
N THR A 46 17.42 -13.48 3.48
CA THR A 46 16.23 -12.74 3.90
C THR A 46 15.31 -13.62 4.75
N LEU A 47 15.20 -14.90 4.39
CA LEU A 47 14.38 -15.82 5.17
C LEU A 47 14.92 -15.94 6.59
N GLU A 48 16.25 -15.87 6.74
CA GLU A 48 16.84 -15.86 8.07
C GLU A 48 16.43 -14.60 8.84
N GLU A 49 16.48 -13.44 8.19
CA GLU A 49 16.05 -12.22 8.84
C GLU A 49 14.61 -12.34 9.27
N PHE A 50 13.78 -12.96 8.42
CA PHE A 50 12.40 -13.25 8.79
C PHE A 50 12.32 -14.06 10.07
N VAL A 51 13.07 -15.17 10.14
CA VAL A 51 13.05 -15.98 11.35
C VAL A 51 13.46 -15.14 12.54
N ASP A 52 14.48 -14.30 12.36
CA ASP A 52 14.92 -13.41 13.42
C ASP A 52 13.82 -12.42 13.79
N ASN A 53 13.28 -11.71 12.79
CA ASN A 53 12.23 -10.75 13.09
C ASN A 53 11.04 -11.43 13.74
N PHE A 54 10.71 -12.65 13.29
CA PHE A 54 9.60 -13.37 13.89
C PHE A 54 9.86 -13.64 15.36
N VAL A 55 11.04 -14.20 15.67
CA VAL A 55 11.34 -14.55 17.05
C VAL A 55 11.31 -13.32 17.94
N TYR A 56 11.86 -12.22 17.44
CA TYR A 56 11.82 -10.96 18.18
C TYR A 56 10.39 -10.54 18.48
N GLU A 57 9.53 -10.61 17.46
CA GLU A 57 8.14 -10.25 17.61
C GLU A 57 7.44 -11.12 18.64
N LEU A 58 7.91 -12.36 18.81
CA LEU A 58 7.33 -13.27 19.81
C LEU A 58 7.55 -12.78 21.25
N LYS A 59 8.80 -12.42 21.61
CA LYS A 59 9.06 -11.91 22.95
C LYS A 59 8.29 -10.63 23.21
N LYS A 60 8.27 -9.72 22.23
CA LYS A 60 7.50 -8.51 22.37
C LYS A 60 6.04 -8.82 22.65
N GLY A 61 5.52 -9.88 22.06
CA GLY A 61 4.16 -10.29 22.36
C GLY A 61 3.98 -10.79 23.78
N LEU A 62 4.95 -11.59 24.26
CA LEU A 62 4.92 -12.10 25.64
C LEU A 62 4.98 -10.95 26.65
N GLU A 63 5.94 -10.03 26.46
CA GLU A 63 6.02 -8.89 27.35
C GLU A 63 4.79 -8.01 27.26
N ALA A 64 4.26 -7.78 26.05
CA ALA A 64 3.02 -7.03 25.91
C ALA A 64 1.89 -7.71 26.66
N HIS A 65 1.83 -9.05 26.59
CA HIS A 65 0.78 -9.77 27.29
C HIS A 65 0.91 -9.63 28.79
N ARG A 66 2.13 -9.59 29.31
CA ARG A 66 2.33 -9.46 30.75
C ARG A 66 1.75 -8.15 31.27
N LYS A 67 1.85 -7.06 30.47
CA LYS A 67 1.38 -5.74 30.90
C LYS A 67 -0.14 -5.62 30.89
N HIS A 68 -0.79 -6.10 29.83
CA HIS A 68 -2.24 -5.97 29.67
C HIS A 68 -2.79 -7.27 29.10
N PRO A 69 -2.87 -8.32 29.92
CA PRO A 69 -3.26 -9.64 29.39
C PRO A 69 -4.61 -9.66 28.70
N ASN A 70 -5.55 -8.78 29.09
CA ASN A 70 -6.89 -8.78 28.52
C ASN A 70 -7.01 -7.99 27.22
N LEU A 71 -5.99 -7.23 26.82
CA LEU A 71 -6.07 -6.30 25.68
C LEU A 71 -4.96 -6.59 24.66
N TRP A 72 -5.33 -6.53 23.38
CA TRP A 72 -4.35 -6.57 22.30
C TRP A 72 -4.03 -5.13 21.91
N ILE A 73 -2.81 -4.71 22.18
CA ILE A 73 -2.40 -3.38 21.75
C ILE A 73 -1.56 -3.56 20.51
N PRO A 74 -2.14 -3.36 19.33
CA PRO A 74 -1.46 -3.80 18.10
C PRO A 74 -0.16 -3.06 17.82
N HIS A 75 -0.06 -1.76 18.17
CA HIS A 75 1.21 -1.04 17.97
C HIS A 75 2.35 -1.65 18.76
N GLU A 76 2.03 -2.38 19.84
CA GLU A 76 3.07 -3.07 20.59
C GLU A 76 3.42 -4.40 19.97
N CYS A 77 2.48 -5.06 19.31
CA CYS A 77 2.82 -6.35 18.72
C CYS A 77 1.76 -6.79 17.70
N SER A 78 2.22 -7.24 16.54
CA SER A 78 1.30 -7.73 15.51
C SER A 78 0.64 -9.06 15.92
N PHE A 79 1.31 -9.84 16.75
CA PHE A 79 0.78 -11.11 17.24
C PHE A 79 -0.17 -10.85 18.40
N LYS A 80 -1.32 -11.55 18.40
CA LYS A 80 -2.25 -11.36 19.49
C LYS A 80 -1.88 -12.19 20.71
N MET A 81 -1.11 -13.27 20.54
CA MET A 81 -0.54 -14.04 21.66
C MET A 81 -1.61 -14.34 22.72
N LEU A 82 -2.64 -15.06 22.27
CA LEU A 82 -3.87 -15.25 23.03
C LEU A 82 -3.80 -16.52 23.88
N ASP A 83 -4.32 -16.42 25.11
CA ASP A 83 -4.33 -17.53 26.04
C ASP A 83 -5.40 -18.54 25.65
N SER A 84 -5.02 -19.82 25.57
CA SER A 84 -5.99 -20.88 25.28
C SER A 84 -6.73 -21.40 26.50
N CYS A 85 -6.29 -21.03 27.71
CA CYS A 85 -6.79 -21.54 28.99
C CYS A 85 -6.60 -23.04 29.14
N ILE A 86 -5.78 -23.66 28.30
CA ILE A 86 -5.52 -25.10 28.38
C ILE A 86 -4.23 -25.34 29.16
N ALA A 87 -4.36 -26.01 30.31
CA ALA A 87 -3.21 -26.39 31.13
C ALA A 87 -3.05 -27.90 31.27
N ASN A 88 -4.06 -28.68 30.88
CA ASN A 88 -4.03 -30.13 31.02
C ASN A 88 -3.92 -30.70 29.61
N ILE A 89 -2.70 -31.04 29.21
CA ILE A 89 -2.43 -31.68 27.93
C ILE A 89 -3.05 -33.07 27.92
N PRO A 90 -3.49 -33.61 26.78
CA PRO A 90 -4.02 -34.98 26.77
C PRO A 90 -2.97 -36.00 27.18
N THR A 91 -3.40 -36.99 27.98
CA THR A 91 -2.55 -38.09 28.42
C THR A 91 -2.55 -39.27 27.46
N GLY A 92 -3.43 -39.26 26.46
CA GLY A 92 -3.63 -40.40 25.60
C GLY A 92 -4.64 -41.40 26.12
N GLN A 93 -5.03 -41.29 27.39
CA GLN A 93 -5.98 -42.22 28.00
C GLN A 93 -7.39 -41.67 28.12
N GLU A 94 -7.66 -40.48 27.59
CA GLU A 94 -9.00 -39.93 27.70
C GLU A 94 -9.98 -40.78 26.92
N LYS A 95 -11.16 -41.00 27.52
CA LYS A 95 -12.08 -42.01 27.06
C LYS A 95 -13.49 -41.42 27.04
N GLY A 96 -14.30 -41.87 26.08
CA GLY A 96 -15.67 -41.40 25.93
C GLY A 96 -16.00 -41.04 24.50
N THR A 97 -17.29 -40.76 24.27
CA THR A 97 -17.77 -40.25 23.00
C THR A 97 -18.37 -38.85 23.16
N TYR A 98 -17.90 -37.90 22.36
CA TYR A 98 -18.32 -36.50 22.46
C TYR A 98 -18.58 -35.94 21.07
N TYR A 99 -19.48 -34.95 21.00
CA TYR A 99 -19.75 -34.21 19.75
C TYR A 99 -18.90 -32.94 19.70
N ALA A 100 -18.48 -32.56 18.49
CA ALA A 100 -17.75 -31.33 18.28
C ALA A 100 -18.23 -30.61 17.02
N ILE A 101 -18.05 -29.29 17.02
CA ILE A 101 -18.36 -28.45 15.88
C ILE A 101 -17.08 -27.73 15.48
N ASP A 102 -16.67 -27.89 14.22
CA ASP A 102 -15.38 -27.42 13.74
C ASP A 102 -15.67 -26.29 12.77
N PHE A 103 -15.63 -25.05 13.26
CA PHE A 103 -15.84 -23.86 12.44
C PHE A 103 -14.50 -23.36 11.94
N GLY A 104 -14.05 -23.92 10.81
CA GLY A 104 -12.75 -23.61 10.27
C GLY A 104 -12.69 -22.51 9.24
N GLY A 105 -13.82 -22.05 8.72
CA GLY A 105 -13.76 -20.91 7.85
C GLY A 105 -14.90 -20.84 6.85
N THR A 106 -14.55 -20.79 5.57
CA THR A 106 -15.58 -20.74 4.54
C THR A 106 -16.48 -21.97 4.60
N ASN A 107 -15.91 -23.12 4.95
CA ASN A 107 -16.68 -24.34 5.17
C ASN A 107 -16.80 -24.58 6.67
N PHE A 108 -17.96 -25.08 7.07
CA PHE A 108 -18.27 -25.44 8.45
C PHE A 108 -18.53 -26.94 8.52
N ARG A 109 -17.89 -27.60 9.50
CA ARG A 109 -17.83 -29.05 9.55
C ARG A 109 -18.26 -29.54 10.93
N ALA A 110 -19.24 -30.43 10.99
CA ALA A 110 -19.77 -30.97 12.25
C ALA A 110 -19.39 -32.43 12.41
N VAL A 111 -18.93 -32.80 13.60
CA VAL A 111 -18.23 -34.05 13.79
C VAL A 111 -18.79 -34.77 15.01
N ARG A 112 -18.58 -36.10 15.02
CA ARG A 112 -18.86 -36.95 16.17
C ARG A 112 -17.66 -37.88 16.36
N ALA A 113 -17.10 -37.88 17.56
CA ALA A 113 -15.88 -38.63 17.82
C ALA A 113 -15.97 -39.40 19.12
N SER A 114 -15.47 -40.64 19.10
CA SER A 114 -15.42 -41.50 20.26
C SER A 114 -13.96 -41.79 20.58
N LEU A 115 -13.63 -41.74 21.88
CA LEU A 115 -12.29 -41.97 22.40
C LEU A 115 -12.25 -43.32 23.12
N ASP A 116 -11.23 -44.12 22.83
CA ASP A 116 -11.16 -45.51 23.28
C ASP A 116 -10.26 -45.75 24.48
N GLY A 117 -9.68 -44.70 25.09
CA GLY A 117 -8.77 -44.88 26.21
C GLY A 117 -7.31 -45.14 25.85
N LYS A 118 -6.99 -45.41 24.59
CA LYS A 118 -5.62 -45.33 24.09
C LYS A 118 -5.59 -44.35 22.94
N GLY A 119 -4.41 -44.12 22.38
CA GLY A 119 -4.30 -43.00 21.44
C GLY A 119 -5.01 -43.22 20.12
N LYS A 120 -6.26 -43.70 20.17
CA LYS A 120 -7.04 -44.04 19.00
C LYS A 120 -8.32 -43.21 18.93
N ILE A 121 -8.67 -42.75 17.73
CA ILE A 121 -9.86 -41.92 17.52
C ILE A 121 -10.63 -42.46 16.32
N LYS A 122 -11.89 -42.83 16.54
CA LYS A 122 -12.83 -42.97 15.44
C LYS A 122 -13.63 -41.68 15.29
N ARG A 123 -13.85 -41.27 14.03
CA ARG A 123 -14.37 -39.95 13.69
C ARG A 123 -15.43 -40.06 12.59
N ASP A 124 -16.54 -39.34 12.77
CA ASP A 124 -17.65 -39.27 11.83
C ASP A 124 -18.02 -37.82 11.55
N GLN A 125 -18.02 -37.45 10.26
CA GLN A 125 -17.94 -36.04 9.86
C GLN A 125 -18.92 -35.65 8.75
N GLU A 126 -19.40 -34.41 8.81
CA GLU A 126 -20.36 -33.85 7.83
C GLU A 126 -20.02 -32.38 7.56
N THR A 127 -19.46 -32.08 6.39
CA THR A 127 -18.98 -30.76 6.00
C THR A 127 -20.02 -29.98 5.19
N TYR A 128 -20.53 -28.88 5.73
CA TYR A 128 -21.46 -28.02 5.03
C TYR A 128 -20.78 -26.68 4.75
N SER A 129 -21.43 -25.83 3.97
CA SER A 129 -20.77 -24.61 3.52
C SER A 129 -21.56 -23.41 4.01
N LEU A 130 -20.82 -22.39 4.50
CA LEU A 130 -21.41 -21.12 4.91
C LEU A 130 -21.65 -20.18 3.74
N LYS A 131 -20.75 -20.12 2.76
CA LYS A 131 -20.98 -19.25 1.60
C LYS A 131 -22.30 -19.61 0.92
N PHE A 132 -22.49 -20.89 0.59
CA PHE A 132 -23.65 -21.36 -0.16
C PHE A 132 -24.66 -21.87 0.85
N THR A 133 -25.42 -20.95 1.42
CA THR A 133 -26.48 -21.28 2.36
C THR A 133 -27.74 -21.78 1.68
N GLY A 134 -27.93 -21.47 0.39
CA GLY A 134 -29.18 -21.74 -0.29
C GLY A 134 -30.08 -20.54 -0.42
N SER A 135 -29.66 -19.38 0.07
CA SER A 135 -30.33 -18.10 -0.17
C SER A 135 -29.59 -17.32 -1.25
N TYR A 136 -30.21 -16.24 -1.72
CA TYR A 136 -29.61 -15.35 -2.71
C TYR A 136 -29.51 -13.92 -2.23
N SER A 137 -30.07 -13.60 -1.06
CA SER A 137 -29.82 -12.30 -0.50
C SER A 137 -28.37 -12.20 -0.03
N HIS A 138 -28.03 -11.06 0.54
CA HIS A 138 -26.77 -10.89 1.24
C HIS A 138 -25.57 -11.17 0.33
N GLU A 139 -25.76 -10.98 -0.97
CA GLU A 139 -24.70 -11.29 -1.92
C GLU A 139 -24.27 -12.73 -1.67
N LYS A 140 -22.99 -12.93 -1.43
CA LYS A 140 -22.47 -14.26 -1.14
C LYS A 140 -22.29 -14.49 0.37
N GLY A 141 -23.09 -15.39 0.91
CA GLY A 141 -22.74 -16.07 2.13
C GLY A 141 -23.36 -15.50 3.40
N LEU A 142 -23.12 -16.25 4.47
CA LEU A 142 -23.33 -15.92 5.86
C LEU A 142 -22.19 -15.09 6.38
N LEU A 143 -21.19 -14.89 5.52
CA LEU A 143 -20.08 -13.99 5.77
C LEU A 143 -20.48 -12.53 5.59
N ASP A 144 -21.66 -12.26 5.06
CA ASP A 144 -22.02 -10.91 4.64
C ASP A 144 -22.18 -9.99 5.86
N LYS A 145 -21.87 -8.71 5.66
CA LYS A 145 -22.10 -7.73 6.73
C LYS A 145 -23.58 -7.69 7.13
N HIS A 146 -24.47 -8.05 6.20
CA HIS A 146 -25.89 -7.96 6.50
C HIS A 146 -26.45 -9.24 7.11
N ALA A 147 -25.70 -10.33 7.10
CA ALA A 147 -26.16 -11.50 7.83
C ALA A 147 -26.01 -11.24 9.31
N THR A 148 -26.98 -11.70 10.09
CA THR A 148 -26.99 -11.49 11.53
C THR A 148 -26.20 -12.60 12.23
N ALA A 149 -25.82 -12.32 13.48
CA ALA A 149 -25.13 -13.35 14.27
C ALA A 149 -26.04 -14.56 14.49
N SER A 150 -27.31 -14.30 14.80
CA SER A 150 -28.23 -15.36 15.13
C SER A 150 -28.34 -16.39 14.01
N GLN A 151 -28.36 -15.93 12.77
CA GLN A 151 -28.40 -16.85 11.64
C GLN A 151 -27.21 -17.81 11.66
N LEU A 152 -26.00 -17.29 11.90
CA LEU A 152 -24.82 -18.16 11.87
C LEU A 152 -24.88 -19.21 12.97
N PHE A 153 -25.24 -18.81 14.17
CA PHE A 153 -25.22 -19.79 15.24
C PHE A 153 -26.41 -20.73 15.14
N ASP A 154 -27.55 -20.23 14.67
CA ASP A 154 -28.68 -21.12 14.39
C ASP A 154 -28.31 -22.15 13.34
N HIS A 155 -27.58 -21.74 12.30
CA HIS A 155 -27.19 -22.70 11.29
C HIS A 155 -26.25 -23.76 11.87
N PHE A 156 -25.41 -23.37 12.84
CA PHE A 156 -24.58 -24.35 13.53
C PHE A 156 -25.44 -25.35 14.30
N ALA A 157 -26.42 -24.86 15.05
CA ALA A 157 -27.32 -25.75 15.79
C ALA A 157 -28.14 -26.63 14.84
N GLU A 158 -28.58 -26.05 13.71
CA GLU A 158 -29.39 -26.80 12.75
C GLU A 158 -28.65 -28.07 12.30
N ARG A 159 -27.35 -27.94 11.98
CA ARG A 159 -26.56 -29.08 11.54
C ARG A 159 -26.13 -29.99 12.67
N ILE A 160 -25.94 -29.46 13.86
CA ILE A 160 -25.71 -30.35 14.99
C ILE A 160 -26.98 -31.15 15.29
N LYS A 161 -28.14 -30.54 15.11
CA LYS A 161 -29.38 -31.28 15.32
C LYS A 161 -29.47 -32.47 14.38
N TYR A 162 -29.16 -32.24 13.11
CA TYR A 162 -29.28 -33.28 12.10
C TYR A 162 -28.32 -34.44 12.40
N ILE A 163 -27.07 -34.13 12.74
CA ILE A 163 -26.12 -35.21 13.02
C ILE A 163 -26.51 -35.95 14.30
N MET A 164 -27.09 -35.24 15.26
CA MET A 164 -27.51 -35.89 16.50
C MET A 164 -28.71 -36.80 16.26
N GLY A 165 -29.73 -36.30 15.54
CA GLY A 165 -30.88 -37.14 15.28
C GLY A 165 -30.49 -38.42 14.55
N GLU A 166 -29.51 -38.32 13.64
CA GLU A 166 -29.04 -39.48 12.89
C GLU A 166 -28.50 -40.59 13.77
N PHE A 167 -27.94 -40.26 14.93
CA PHE A 167 -27.29 -41.27 15.77
C PHE A 167 -28.11 -41.64 17.00
N ASN A 168 -29.38 -41.23 17.06
CA ASN A 168 -30.29 -41.55 18.15
C ASN A 168 -29.82 -40.94 19.48
N ASP A 169 -28.72 -40.16 19.44
CA ASP A 169 -28.24 -39.43 20.61
C ASP A 169 -29.09 -38.21 20.91
N LEU A 170 -29.84 -37.73 19.93
CA LEU A 170 -30.52 -36.46 20.08
C LEU A 170 -31.77 -36.61 20.94
N ASP A 171 -32.58 -37.63 20.65
CA ASP A 171 -33.96 -37.67 21.12
C ASP A 171 -34.11 -37.63 22.64
N ASN A 172 -33.11 -38.07 23.41
CA ASN A 172 -33.32 -38.13 24.85
C ASN A 172 -33.25 -36.73 25.43
N LYS A 173 -33.48 -36.64 26.74
CA LYS A 173 -33.65 -35.35 27.39
C LYS A 173 -32.50 -35.03 28.32
N GLU A 174 -31.39 -35.78 28.25
CA GLU A 174 -30.23 -35.52 29.10
C GLU A 174 -29.14 -34.87 28.25
N VAL A 175 -28.48 -33.85 28.82
CA VAL A 175 -27.70 -32.87 28.07
C VAL A 175 -26.38 -33.45 27.62
N LYS A 176 -26.01 -33.14 26.37
CA LYS A 176 -24.78 -33.62 25.74
C LYS A 176 -23.77 -32.46 25.70
N SER A 177 -22.52 -32.74 26.08
CA SER A 177 -21.48 -31.73 26.08
C SER A 177 -20.76 -31.72 24.73
N VAL A 178 -20.37 -30.53 24.28
CA VAL A 178 -19.86 -30.36 22.92
C VAL A 178 -18.63 -29.47 22.94
N GLY A 179 -17.61 -29.87 22.19
CA GLY A 179 -16.45 -29.03 21.99
C GLY A 179 -16.63 -28.16 20.76
N PHE A 180 -15.99 -26.99 20.77
CA PHE A 180 -16.23 -25.96 19.78
C PHE A 180 -14.89 -25.35 19.38
N THR A 181 -14.45 -25.58 18.14
CA THR A 181 -13.24 -24.95 17.65
C THR A 181 -13.64 -23.74 16.80
N PHE A 182 -13.36 -22.55 17.31
CA PHE A 182 -13.68 -21.30 16.62
C PHE A 182 -12.37 -20.72 16.05
N SER A 183 -12.19 -20.88 14.74
CA SER A 183 -10.91 -20.60 14.07
C SER A 183 -10.73 -19.11 13.77
N PHE A 184 -10.78 -18.29 14.81
CA PHE A 184 -10.68 -16.85 14.65
C PHE A 184 -10.10 -16.23 15.92
N PRO A 185 -9.41 -15.10 15.83
CA PRO A 185 -8.75 -14.54 17.03
C PRO A 185 -9.76 -14.16 18.10
N CYS A 186 -9.62 -14.76 19.27
CA CYS A 186 -10.55 -14.56 20.37
C CYS A 186 -9.78 -14.31 21.65
N THR A 187 -10.35 -13.48 22.53
CA THR A 187 -9.89 -13.37 23.91
C THR A 187 -10.66 -14.39 24.76
N SER A 188 -9.94 -15.34 25.36
CA SER A 188 -10.58 -16.37 26.17
C SER A 188 -10.24 -16.18 27.65
N PRO A 189 -11.11 -15.53 28.43
CA PRO A 189 -10.88 -15.50 29.87
C PRO A 189 -11.03 -16.84 30.55
N SER A 190 -11.71 -17.80 29.91
CA SER A 190 -11.83 -19.15 30.44
C SER A 190 -11.97 -20.12 29.27
N ILE A 191 -11.91 -21.42 29.56
CA ILE A 191 -12.07 -22.39 28.50
C ILE A 191 -13.51 -22.41 27.99
N ASN A 192 -14.47 -21.89 28.78
CA ASN A 192 -15.89 -21.78 28.42
C ASN A 192 -16.26 -20.34 28.01
N CYS A 193 -15.28 -19.50 27.72
CA CYS A 193 -15.57 -18.11 27.38
C CYS A 193 -14.61 -17.63 26.30
N SER A 194 -15.15 -17.08 25.21
CA SER A 194 -14.31 -16.64 24.09
C SER A 194 -14.98 -15.47 23.39
N ILE A 195 -14.31 -14.33 23.37
CA ILE A 195 -14.84 -13.11 22.76
C ILE A 195 -14.14 -12.89 21.43
N LEU A 196 -14.94 -12.82 20.36
CA LEU A 196 -14.40 -12.60 19.03
C LEU A 196 -13.80 -11.22 18.96
N ILE A 197 -12.54 -11.17 18.51
CA ILE A 197 -11.83 -9.90 18.41
C ILE A 197 -12.04 -9.26 17.05
N ASP A 198 -11.82 -10.04 15.99
CA ASP A 198 -11.74 -9.51 14.64
C ASP A 198 -11.98 -10.64 13.66
N TRP A 199 -12.96 -10.48 12.77
CA TRP A 199 -13.19 -11.47 11.72
C TRP A 199 -12.00 -11.50 10.78
N THR A 200 -11.63 -12.71 10.33
CA THR A 200 -10.63 -12.85 9.30
C THR A 200 -11.12 -13.74 8.17
N LYS A 201 -10.24 -14.05 7.21
CA LYS A 201 -10.57 -14.99 6.13
C LYS A 201 -11.79 -14.55 5.33
N GLY A 202 -12.02 -13.26 5.22
CA GLY A 202 -13.11 -12.79 4.38
C GLY A 202 -14.46 -12.67 5.04
N PHE A 203 -14.63 -13.12 6.29
CA PHE A 203 -15.89 -12.94 6.99
C PHE A 203 -16.17 -11.49 7.40
N GLU A 204 -17.46 -11.10 7.33
CA GLU A 204 -17.92 -9.84 7.90
C GLU A 204 -19.24 -9.98 8.67
N THR A 205 -19.56 -11.17 9.16
CA THR A 205 -20.89 -11.48 9.67
C THR A 205 -21.31 -10.52 10.76
N GLY A 206 -22.50 -9.93 10.61
CA GLY A 206 -23.10 -9.09 11.62
C GLY A 206 -22.59 -7.66 11.70
N ARG A 207 -21.53 -7.31 10.96
CA ARG A 207 -20.93 -5.98 11.09
C ARG A 207 -21.92 -4.88 10.75
N ALA A 208 -22.94 -5.16 9.93
CA ALA A 208 -23.88 -4.15 9.45
C ALA A 208 -25.24 -4.31 10.10
N THR A 209 -25.30 -5.02 11.21
CA THR A 209 -26.57 -5.30 11.84
C THR A 209 -26.45 -4.99 13.33
N ASN A 210 -27.56 -5.15 14.03
CA ASN A 210 -27.68 -4.90 15.46
C ASN A 210 -27.34 -6.16 16.26
N ASP A 211 -26.83 -7.19 15.60
CA ASP A 211 -26.59 -8.49 16.21
C ASP A 211 -25.23 -8.96 15.75
N PRO A 212 -24.13 -8.41 16.30
CA PRO A 212 -22.81 -8.73 15.79
C PRO A 212 -22.25 -9.99 16.44
N VAL A 213 -21.21 -10.53 15.82
CA VAL A 213 -20.42 -11.58 16.44
C VAL A 213 -19.16 -11.01 17.07
N GLU A 214 -18.56 -10.03 16.41
CA GLU A 214 -17.36 -9.38 16.91
C GLU A 214 -17.67 -8.79 18.27
N GLY A 215 -16.77 -9.03 19.22
CA GLY A 215 -16.97 -8.42 20.52
C GLY A 215 -18.01 -9.10 21.39
N ARG A 216 -18.42 -10.32 21.05
CA ARG A 216 -19.42 -11.01 21.85
C ARG A 216 -18.95 -12.43 22.15
N ASP A 217 -19.48 -12.99 23.24
CA ASP A 217 -19.08 -14.32 23.74
C ASP A 217 -19.63 -15.39 22.82
N VAL A 218 -18.73 -16.05 22.08
CA VAL A 218 -19.16 -17.07 21.12
C VAL A 218 -19.70 -18.32 21.81
N CYS A 219 -19.19 -18.65 23.00
CA CYS A 219 -19.75 -19.75 23.76
C CYS A 219 -21.23 -19.54 24.05
N LYS A 220 -21.58 -18.34 24.51
CA LYS A 220 -22.98 -18.01 24.78
C LYS A 220 -23.83 -18.07 23.50
N LEU A 221 -23.39 -17.38 22.46
CA LEU A 221 -24.11 -17.34 21.19
C LEU A 221 -24.44 -18.73 20.68
N MET A 222 -23.52 -19.68 20.84
CA MET A 222 -23.80 -21.05 20.43
C MET A 222 -24.79 -21.71 21.38
N ASN A 223 -24.56 -21.59 22.69
CA ASN A 223 -25.49 -22.18 23.68
C ASN A 223 -26.91 -21.67 23.47
N ASP A 224 -27.05 -20.39 23.08
CA ASP A 224 -28.36 -19.85 22.72
C ASP A 224 -28.88 -20.50 21.43
N ALA A 225 -28.01 -20.77 20.47
CA ALA A 225 -28.47 -21.45 19.26
C ALA A 225 -29.03 -22.83 19.58
N PHE A 226 -28.40 -23.54 20.52
CA PHE A 226 -28.95 -24.79 21.02
C PHE A 226 -30.30 -24.57 21.69
N VAL A 227 -30.43 -23.47 22.43
CA VAL A 227 -31.65 -23.24 23.20
C VAL A 227 -32.84 -22.97 22.28
N ARG A 228 -32.64 -22.22 21.20
CA ARG A 228 -33.73 -21.94 20.27
C ARG A 228 -34.32 -23.22 19.69
N ALA A 229 -33.46 -24.17 19.31
CA ALA A 229 -33.85 -25.41 18.68
C ALA A 229 -34.14 -26.53 19.68
N ALA A 230 -34.21 -26.23 20.97
CA ALA A 230 -34.47 -27.22 22.02
C ALA A 230 -33.44 -28.36 22.01
N ILE A 231 -32.30 -28.14 21.39
CA ILE A 231 -31.26 -29.17 21.33
C ILE A 231 -30.69 -29.42 22.73
N PRO A 232 -30.61 -30.67 23.16
CA PRO A 232 -30.02 -30.97 24.48
C PRO A 232 -28.50 -30.99 24.43
N ALA A 233 -27.91 -29.79 24.35
CA ALA A 233 -26.46 -29.66 24.28
C ALA A 233 -26.02 -28.36 24.93
N LYS A 234 -24.74 -28.32 25.26
CA LYS A 234 -24.10 -27.14 25.82
C LYS A 234 -22.63 -27.18 25.45
N VAL A 235 -22.12 -26.05 24.96
CA VAL A 235 -20.70 -25.97 24.65
C VAL A 235 -19.92 -25.88 25.96
N CYS A 236 -19.00 -26.80 26.15
CA CYS A 236 -18.22 -26.84 27.37
C CYS A 236 -16.80 -26.33 27.19
N CYS A 237 -16.38 -26.03 25.96
CA CYS A 237 -15.05 -25.51 25.70
C CYS A 237 -14.99 -24.84 24.33
N VAL A 238 -14.23 -23.75 24.23
CA VAL A 238 -13.99 -23.06 22.97
C VAL A 238 -12.49 -22.91 22.77
N LEU A 239 -11.99 -23.36 21.62
CA LEU A 239 -10.56 -23.41 21.36
C LEU A 239 -10.26 -23.05 19.91
N ASN A 240 -9.08 -22.47 19.70
CA ASN A 240 -8.72 -22.13 18.33
C ASN A 240 -8.38 -23.40 17.55
N ASP A 241 -8.49 -23.35 16.22
CA ASP A 241 -8.29 -24.59 15.47
C ASP A 241 -6.83 -25.04 15.52
N ALA A 242 -5.90 -24.09 15.65
CA ALA A 242 -4.50 -24.48 15.79
C ALA A 242 -4.27 -25.27 17.07
N VAL A 243 -4.86 -24.83 18.19
CA VAL A 243 -4.66 -25.57 19.43
C VAL A 243 -5.32 -26.94 19.33
N GLY A 244 -6.47 -27.03 18.67
CA GLY A 244 -7.12 -28.32 18.49
C GLY A 244 -6.18 -29.32 17.84
N THR A 245 -5.45 -28.87 16.83
CA THR A 245 -4.50 -29.76 16.17
C THR A 245 -3.49 -30.30 17.17
N LEU A 246 -2.94 -29.43 18.02
CA LEU A 246 -1.98 -29.88 19.03
C LEU A 246 -2.63 -30.89 19.97
N MET A 247 -3.84 -30.58 20.45
CA MET A 247 -4.50 -31.49 21.38
C MET A 247 -4.64 -32.87 20.77
N SER A 248 -5.07 -32.96 19.51
CA SER A 248 -5.23 -34.27 18.91
C SER A 248 -3.91 -35.01 18.80
N CYS A 249 -2.83 -34.29 18.45
CA CYS A 249 -1.53 -34.94 18.33
C CYS A 249 -1.08 -35.47 19.68
N ALA A 250 -1.30 -34.71 20.75
CA ALA A 250 -0.86 -35.15 22.07
C ALA A 250 -1.60 -36.41 22.48
N TYR A 251 -2.88 -36.48 22.16
CA TYR A 251 -3.67 -37.67 22.51
C TYR A 251 -3.16 -38.89 21.76
N GLN A 252 -2.91 -38.74 20.45
CA GLN A 252 -2.42 -39.85 19.64
C GLN A 252 -0.92 -40.04 19.79
N LYS A 253 -0.29 -39.40 20.77
CA LYS A 253 1.16 -39.49 20.92
C LYS A 253 1.55 -40.89 21.38
N GLY A 254 2.36 -41.56 20.57
CA GLY A 254 2.85 -42.87 20.93
C GLY A 254 3.86 -42.82 22.05
N ARG A 255 3.98 -43.92 22.77
CA ARG A 255 4.98 -44.01 23.83
C ARG A 255 6.37 -43.86 23.24
N GLY A 256 7.19 -43.03 23.92
CA GLY A 256 8.51 -42.67 23.47
C GLY A 256 8.57 -41.69 22.32
N THR A 257 7.42 -41.33 21.73
CA THR A 257 7.42 -40.35 20.66
C THR A 257 7.39 -38.96 21.29
N PRO A 258 8.24 -38.04 20.83
CA PRO A 258 8.40 -36.77 21.54
C PRO A 258 7.10 -35.97 21.54
N PRO A 259 6.94 -35.07 22.51
CA PRO A 259 5.65 -34.41 22.66
C PRO A 259 5.42 -33.39 21.57
N CYS A 260 4.15 -33.03 21.39
CA CYS A 260 3.78 -32.05 20.38
C CYS A 260 3.75 -30.67 21.04
N TYR A 261 4.62 -29.79 20.58
CA TYR A 261 4.76 -28.48 21.16
C TYR A 261 4.36 -27.36 20.22
N ILE A 262 4.06 -27.67 18.97
CA ILE A 262 3.64 -26.70 17.96
C ILE A 262 2.48 -27.28 17.18
N GLY A 263 1.46 -26.45 16.95
CA GLY A 263 0.37 -26.78 16.05
C GLY A 263 0.26 -25.78 14.91
N ILE A 264 0.40 -26.23 13.67
CA ILE A 264 0.35 -25.35 12.50
C ILE A 264 -0.91 -25.65 11.69
N ILE A 265 -1.62 -24.61 11.29
CA ILE A 265 -2.71 -24.72 10.34
C ILE A 265 -2.29 -23.95 9.10
N LEU A 266 -2.18 -24.65 7.97
CA LEU A 266 -1.83 -24.06 6.67
C LEU A 266 -2.95 -24.40 5.69
N GLY A 267 -4.01 -23.60 5.71
CA GLY A 267 -5.20 -23.85 4.89
C GLY A 267 -5.86 -22.59 4.37
N THR A 268 -7.18 -22.47 4.57
CA THR A 268 -7.85 -21.26 4.14
C THR A 268 -7.22 -20.04 4.79
N GLY A 269 -6.93 -20.12 6.10
CA GLY A 269 -6.08 -19.18 6.79
C GLY A 269 -4.75 -19.85 7.17
N SER A 270 -3.83 -19.07 7.71
CA SER A 270 -2.57 -19.62 8.20
C SER A 270 -2.24 -19.07 9.57
N ASN A 271 -2.00 -19.95 10.54
CA ASN A 271 -1.81 -19.59 11.94
C ASN A 271 -1.12 -20.76 12.64
N GLY A 272 -0.73 -20.54 13.89
CA GLY A 272 -0.09 -21.58 14.67
C GLY A 272 -0.15 -21.33 16.17
N CYS A 273 -0.16 -22.42 16.93
CA CYS A 273 -0.05 -22.36 18.38
C CYS A 273 1.18 -23.13 18.84
N TYR A 274 1.65 -22.83 20.05
CA TYR A 274 2.84 -23.50 20.57
C TYR A 274 2.81 -23.54 22.09
N TYR A 275 3.69 -24.36 22.64
CA TYR A 275 3.87 -24.47 24.09
C TYR A 275 4.95 -23.50 24.52
N GLU A 276 4.55 -22.49 25.28
CA GLU A 276 5.49 -21.51 25.80
C GLU A 276 5.90 -21.91 27.20
N PRO A 277 7.17 -22.25 27.44
CA PRO A 277 7.60 -22.60 28.80
C PRO A 277 7.44 -21.47 29.83
N GLU A 278 7.56 -20.21 29.43
CA GLU A 278 7.40 -19.11 30.37
C GLU A 278 5.95 -18.71 30.54
N TRP A 279 5.01 -19.65 30.31
CA TRP A 279 3.60 -19.29 30.32
C TRP A 279 3.20 -18.65 31.65
N LYS A 280 3.61 -19.26 32.77
CA LYS A 280 3.26 -18.69 34.06
C LYS A 280 3.87 -17.30 34.24
N LYS A 281 5.11 -17.11 33.80
CA LYS A 281 5.80 -15.84 34.03
C LYS A 281 5.06 -14.67 33.36
N TYR A 282 4.67 -14.83 32.10
CA TYR A 282 4.04 -13.76 31.34
C TYR A 282 2.52 -13.71 31.53
N LYS A 283 2.01 -14.27 32.64
CA LYS A 283 0.63 -14.07 33.11
C LYS A 283 -0.37 -14.86 32.26
N TYR A 284 0.01 -16.05 31.83
CA TYR A 284 -0.91 -16.93 31.11
C TYR A 284 -1.59 -17.92 32.05
N ALA A 285 -2.81 -18.32 31.67
CA ALA A 285 -3.53 -19.35 32.40
C ALA A 285 -3.29 -20.74 31.81
N GLY A 286 -3.23 -20.85 30.49
CA GLY A 286 -2.85 -22.09 29.84
C GLY A 286 -1.37 -22.12 29.46
N LYS A 287 -0.93 -23.27 28.98
CA LYS A 287 0.45 -23.39 28.54
C LYS A 287 0.60 -23.12 27.06
N ILE A 288 -0.49 -23.23 26.30
CA ILE A 288 -0.46 -23.12 24.85
C ILE A 288 -1.05 -21.78 24.46
N ILE A 289 -0.32 -21.07 23.59
CA ILE A 289 -0.67 -19.74 23.12
C ILE A 289 -1.05 -19.81 21.65
N ASN A 290 -2.19 -19.19 21.31
CA ASN A 290 -2.57 -18.93 19.92
C ASN A 290 -1.84 -17.68 19.44
N ILE A 291 -0.86 -17.86 18.55
CA ILE A 291 0.01 -16.75 18.14
C ILE A 291 -0.77 -15.73 17.33
N GLU A 292 -1.64 -16.21 16.46
CA GLU A 292 -2.25 -15.42 15.39
C GLU A 292 -1.20 -14.80 14.50
N PHE A 293 -0.29 -15.65 13.97
CA PHE A 293 0.79 -15.07 13.18
C PHE A 293 0.35 -14.65 11.79
N GLY A 294 -0.89 -14.93 11.38
CA GLY A 294 -1.36 -14.40 10.12
C GLY A 294 -1.22 -12.90 10.04
N ASN A 295 -1.39 -12.21 11.17
CA ASN A 295 -1.34 -10.77 11.26
C ASN A 295 0.09 -10.20 11.37
N PHE A 296 1.12 -10.99 11.07
CA PHE A 296 2.50 -10.50 11.10
C PHE A 296 2.70 -9.40 10.07
N ASP A 297 3.41 -8.33 10.45
CA ASP A 297 3.49 -7.21 9.52
C ASP A 297 4.88 -6.60 9.39
N LYS A 298 5.92 -7.26 9.88
CA LYS A 298 7.28 -6.71 9.94
C LYS A 298 8.09 -7.17 8.73
N ASP A 299 8.47 -6.23 7.86
CA ASP A 299 9.42 -6.53 6.78
C ASP A 299 8.91 -7.56 5.77
N LEU A 300 7.61 -7.58 5.51
CA LEU A 300 7.08 -8.60 4.62
C LEU A 300 7.64 -8.36 3.22
N PRO A 301 8.19 -9.42 2.55
CA PRO A 301 8.68 -9.27 1.17
C PRO A 301 7.54 -9.15 0.18
N THR A 302 6.87 -8.00 0.17
CA THR A 302 5.65 -7.86 -0.59
C THR A 302 5.96 -7.57 -2.04
N SER A 303 5.05 -7.97 -2.90
CA SER A 303 5.06 -7.67 -4.31
C SER A 303 3.90 -6.74 -4.60
N PRO A 304 3.91 -6.01 -5.72
CA PRO A 304 2.79 -5.10 -6.01
C PRO A 304 1.43 -5.78 -6.01
N ILE A 305 1.34 -7.04 -6.47
CA ILE A 305 0.07 -7.77 -6.41
C ILE A 305 -0.40 -7.90 -4.96
N ASP A 306 0.55 -8.08 -4.03
CA ASP A 306 0.21 -8.13 -2.61
C ASP A 306 -0.48 -6.85 -2.12
N LEU A 307 0.01 -5.68 -2.56
CA LEU A 307 -0.69 -4.46 -2.19
C LEU A 307 -2.11 -4.45 -2.74
N VAL A 308 -2.26 -4.87 -3.99
CA VAL A 308 -3.57 -4.89 -4.61
C VAL A 308 -4.50 -5.86 -3.87
N MET A 309 -4.00 -7.03 -3.50
CA MET A 309 -4.84 -7.99 -2.80
C MET A 309 -5.35 -7.41 -1.49
N ASP A 310 -4.44 -6.82 -0.71
CA ASP A 310 -4.85 -6.22 0.55
C ASP A 310 -5.89 -5.14 0.31
N TRP A 311 -5.67 -4.29 -0.71
CA TRP A 311 -6.57 -3.17 -0.94
C TRP A 311 -8.00 -3.66 -1.19
N TYR A 312 -8.14 -4.78 -1.89
CA TYR A 312 -9.46 -5.32 -2.19
C TYR A 312 -10.06 -6.14 -1.05
N SER A 313 -9.37 -6.30 0.07
CA SER A 313 -9.86 -7.16 1.13
C SER A 313 -10.91 -6.46 1.99
N ALA A 314 -11.59 -7.26 2.81
CA ALA A 314 -12.50 -6.73 3.82
C ALA A 314 -11.79 -6.39 5.12
N ASN A 315 -10.50 -6.68 5.22
CA ASN A 315 -9.70 -6.44 6.42
C ASN A 315 -8.37 -5.82 6.01
N ARG A 316 -8.46 -4.76 5.22
CA ARG A 316 -7.26 -4.05 4.80
C ARG A 316 -6.34 -3.75 5.98
N SER A 317 -5.05 -3.99 5.77
CA SER A 317 -3.96 -3.75 6.71
C SER A 317 -3.92 -4.76 7.86
N ARG A 318 -4.75 -5.78 7.81
CA ARG A 318 -4.75 -6.85 8.80
C ARG A 318 -4.48 -8.18 8.08
N GLN A 319 -3.98 -9.18 8.82
CA GLN A 319 -3.67 -10.51 8.26
C GLN A 319 -2.79 -10.40 7.00
N LEU A 320 -1.84 -9.46 7.02
CA LEU A 320 -1.07 -9.17 5.81
C LEU A 320 -0.21 -10.37 5.39
N PHE A 321 0.43 -11.01 6.36
CA PHE A 321 1.27 -12.17 6.05
C PHE A 321 0.43 -13.29 5.49
N GLU A 322 -0.75 -13.52 6.10
CA GLU A 322 -1.68 -14.54 5.63
C GLU A 322 -2.09 -14.28 4.19
N LYS A 323 -2.27 -13.00 3.84
CA LYS A 323 -2.63 -12.63 2.48
C LYS A 323 -1.51 -12.92 1.46
N MET A 324 -0.29 -13.24 1.92
CA MET A 324 0.82 -13.61 1.06
C MET A 324 0.99 -15.12 0.90
N ILE A 325 0.54 -15.91 1.88
CA ILE A 325 0.92 -17.33 1.94
C ILE A 325 -0.29 -18.27 2.08
N SER A 326 -1.46 -17.80 2.48
CA SER A 326 -2.60 -18.66 2.74
C SER A 326 -3.29 -19.15 1.45
N GLY A 327 -4.01 -20.27 1.57
CA GLY A 327 -4.70 -20.89 0.45
C GLY A 327 -5.96 -20.17 0.01
N ALA A 328 -6.54 -19.34 0.87
CA ALA A 328 -7.63 -18.51 0.38
C ALA A 328 -7.12 -17.47 -0.60
N TYR A 329 -5.81 -17.34 -0.78
CA TYR A 329 -5.25 -16.28 -1.58
C TYR A 329 -4.29 -16.71 -2.66
N LEU A 330 -3.78 -17.93 -2.64
CA LEU A 330 -2.73 -18.26 -3.60
C LEU A 330 -3.25 -18.23 -5.05
N GLY A 331 -4.42 -18.82 -5.31
CA GLY A 331 -4.92 -18.87 -6.67
C GLY A 331 -5.04 -17.50 -7.29
N GLU A 332 -5.58 -16.55 -6.53
CA GLU A 332 -5.77 -15.21 -7.08
C GLU A 332 -4.43 -14.51 -7.34
N ILE A 333 -3.43 -14.73 -6.48
CA ILE A 333 -2.12 -14.14 -6.73
C ILE A 333 -1.56 -14.67 -8.04
N VAL A 334 -1.67 -15.99 -8.24
CA VAL A 334 -1.24 -16.60 -9.49
C VAL A 334 -1.95 -15.95 -10.66
N ARG A 335 -3.28 -15.82 -10.55
CA ARG A 335 -4.03 -15.24 -11.65
C ARG A 335 -3.54 -13.85 -11.98
N ARG A 336 -3.40 -12.98 -10.95
CA ARG A 336 -3.01 -11.61 -11.26
C ARG A 336 -1.61 -11.57 -11.85
N PHE A 337 -0.70 -12.39 -11.33
CA PHE A 337 0.60 -12.49 -11.99
C PHE A 337 0.46 -13.05 -13.40
N MET A 338 -0.42 -14.05 -13.58
CA MET A 338 -0.63 -14.62 -14.91
C MET A 338 -1.01 -13.54 -15.91
N VAL A 339 -2.00 -12.70 -15.56
CA VAL A 339 -2.42 -11.64 -16.46
C VAL A 339 -1.25 -10.72 -16.79
N ASN A 340 -0.42 -10.42 -15.80
CA ASN A 340 0.64 -9.46 -16.09
C ASN A 340 1.71 -10.01 -17.02
N VAL A 341 1.87 -11.33 -17.09
CA VAL A 341 2.95 -11.88 -17.93
C VAL A 341 2.47 -12.18 -19.34
N LEU A 342 1.32 -12.87 -19.51
CA LEU A 342 0.84 -13.13 -20.87
C LEU A 342 0.32 -11.89 -21.56
N GLN A 343 -0.12 -10.88 -20.79
CA GLN A 343 -0.66 -9.60 -21.30
C GLN A 343 -1.89 -9.92 -22.15
N SER A 344 -2.03 -9.35 -23.34
CA SER A 344 -3.30 -9.36 -24.06
C SER A 344 -3.70 -10.73 -24.57
N ALA A 345 -2.84 -11.73 -24.47
CA ALA A 345 -3.25 -13.07 -24.83
C ALA A 345 -4.23 -13.66 -23.85
N CYS A 346 -4.81 -12.95 -22.89
CA CYS A 346 -5.65 -13.58 -21.88
C CYS A 346 -7.12 -13.49 -22.28
N SER A 347 -7.88 -14.55 -21.99
CA SER A 347 -9.31 -14.54 -22.28
C SER A 347 -10.07 -13.70 -21.26
N LYS A 348 -11.31 -13.34 -21.63
CA LYS A 348 -12.13 -12.52 -20.74
C LYS A 348 -12.20 -13.10 -19.34
N LYS A 349 -12.25 -14.43 -19.23
CA LYS A 349 -12.36 -15.06 -17.91
C LYS A 349 -11.05 -15.01 -17.15
N MET A 350 -9.93 -14.89 -17.86
CA MET A 350 -8.64 -14.74 -17.19
C MET A 350 -8.58 -13.46 -16.37
N TRP A 351 -9.33 -12.42 -16.77
CA TRP A 351 -9.44 -11.17 -16.02
C TRP A 351 -10.47 -11.25 -14.92
N ILE A 352 -11.22 -12.32 -14.82
CA ILE A 352 -12.28 -12.35 -13.82
C ILE A 352 -11.67 -12.68 -12.45
N SER A 353 -12.04 -11.90 -11.45
CA SER A 353 -11.47 -12.11 -10.13
C SER A 353 -11.96 -13.44 -9.60
N ASP A 354 -11.04 -14.18 -8.95
CA ASP A 354 -11.32 -15.48 -8.33
C ASP A 354 -11.74 -16.56 -9.33
N SER A 355 -11.25 -16.47 -10.57
CA SER A 355 -11.47 -17.55 -11.53
C SER A 355 -10.56 -18.72 -11.26
N PHE A 356 -9.41 -18.51 -10.65
CA PHE A 356 -8.42 -19.56 -10.44
C PHE A 356 -8.21 -19.74 -8.94
N ASN A 357 -8.74 -20.84 -8.36
CA ASN A 357 -8.56 -21.08 -6.94
C ASN A 357 -7.24 -21.77 -6.67
N SER A 358 -6.92 -21.93 -5.38
CA SER A 358 -5.62 -22.51 -5.03
C SER A 358 -5.58 -24.00 -5.30
N GLU A 359 -6.74 -24.68 -5.32
CA GLU A 359 -6.77 -26.10 -5.66
C GLU A 359 -6.27 -26.32 -7.09
N SER A 360 -6.68 -25.45 -8.02
CA SER A 360 -6.16 -25.49 -9.38
C SER A 360 -4.66 -25.32 -9.42
N GLY A 361 -4.10 -24.53 -8.51
CA GLY A 361 -2.66 -24.43 -8.44
C GLY A 361 -2.01 -25.71 -7.97
N SER A 362 -2.72 -26.47 -7.11
CA SER A 362 -2.18 -27.75 -6.65
C SER A 362 -2.03 -28.72 -7.82
N VAL A 363 -3.01 -28.71 -8.73
CA VAL A 363 -2.95 -29.60 -9.88
C VAL A 363 -1.74 -29.29 -10.74
N VAL A 364 -1.52 -28.00 -11.03
CA VAL A 364 -0.42 -27.63 -11.93
C VAL A 364 0.92 -28.06 -11.33
N LEU A 365 1.13 -27.83 -10.03
CA LEU A 365 2.40 -28.18 -9.40
C LEU A 365 2.59 -29.68 -9.31
N ASN A 366 1.52 -30.38 -8.95
CA ASN A 366 1.49 -31.83 -8.81
C ASN A 366 0.91 -32.50 -10.05
N ASP A 367 1.48 -32.22 -11.22
CA ASP A 367 0.97 -32.79 -12.45
C ASP A 367 1.96 -33.82 -12.98
N THR A 368 1.52 -35.08 -13.05
CA THR A 368 2.36 -36.16 -13.55
C THR A 368 1.86 -36.72 -14.88
N SER A 369 0.89 -36.07 -15.52
CA SER A 369 0.45 -36.56 -16.81
C SER A 369 1.56 -36.31 -17.83
N LYS A 370 1.44 -36.96 -18.98
CA LYS A 370 2.49 -36.89 -19.99
C LYS A 370 2.49 -35.57 -20.75
N ASN A 371 1.39 -35.28 -21.45
CA ASN A 371 1.27 -34.05 -22.22
C ASN A 371 0.93 -32.86 -21.33
N PHE A 372 1.17 -33.00 -20.01
CA PHE A 372 0.71 -32.03 -19.03
C PHE A 372 -0.81 -31.90 -19.17
N GLU A 373 -1.45 -33.04 -19.41
CA GLU A 373 -2.86 -33.04 -19.79
C GLU A 373 -3.72 -32.44 -18.71
N ASP A 374 -3.44 -32.81 -17.46
CA ASP A 374 -4.26 -32.35 -16.34
C ASP A 374 -4.17 -30.83 -16.18
N SER A 375 -2.98 -30.26 -16.42
CA SER A 375 -2.77 -28.82 -16.28
C SER A 375 -3.58 -28.01 -17.30
N ARG A 376 -3.67 -28.50 -18.55
CA ARG A 376 -4.52 -27.86 -19.55
C ARG A 376 -5.97 -27.84 -19.10
N LYS A 377 -6.43 -28.92 -18.45
CA LYS A 377 -7.82 -28.99 -18.04
C LYS A 377 -8.17 -27.87 -17.06
N VAL A 378 -7.33 -27.66 -16.03
CA VAL A 378 -7.66 -26.59 -15.08
C VAL A 378 -7.64 -25.24 -15.79
N ALA A 379 -6.70 -25.04 -16.72
CA ALA A 379 -6.68 -23.79 -17.47
C ALA A 379 -7.93 -23.61 -18.32
N LYS A 380 -8.30 -24.65 -19.10
CA LYS A 380 -9.50 -24.55 -19.92
C LYS A 380 -10.74 -24.43 -19.06
N ALA A 381 -10.79 -25.16 -17.94
CA ALA A 381 -11.94 -25.13 -17.02
C ALA A 381 -12.13 -23.75 -16.37
N ALA A 382 -11.06 -23.02 -16.11
CA ALA A 382 -11.16 -21.76 -15.41
C ALA A 382 -11.19 -20.55 -16.35
N TRP A 383 -10.51 -20.65 -17.48
CA TRP A 383 -10.23 -19.50 -18.33
C TRP A 383 -10.73 -19.64 -19.76
N ASP A 384 -11.18 -20.83 -20.17
CA ASP A 384 -11.59 -21.10 -21.55
C ASP A 384 -10.44 -20.77 -22.51
N MET A 385 -9.30 -21.39 -22.24
CA MET A 385 -8.15 -21.27 -23.12
C MET A 385 -7.54 -22.64 -23.35
N ASP A 386 -7.38 -22.99 -24.62
CA ASP A 386 -6.59 -24.16 -24.95
C ASP A 386 -5.14 -23.69 -24.90
N PHE A 387 -4.50 -23.93 -23.77
CA PHE A 387 -3.19 -23.34 -23.53
C PHE A 387 -2.16 -23.89 -24.50
N THR A 388 -1.40 -22.99 -25.12
CA THR A 388 -0.27 -23.40 -25.91
C THR A 388 0.77 -24.03 -25.00
N ASP A 389 1.69 -24.76 -25.59
CA ASP A 389 2.77 -25.28 -24.77
C ASP A 389 3.58 -24.15 -24.14
N GLU A 390 3.72 -23.00 -24.83
CA GLU A 390 4.34 -21.83 -24.20
C GLU A 390 3.61 -21.44 -22.92
N GLN A 391 2.30 -21.25 -23.03
CA GLN A 391 1.52 -20.71 -21.93
C GLN A 391 1.39 -21.69 -20.77
N ILE A 392 1.40 -23.00 -21.03
CA ILE A 392 1.38 -23.98 -19.95
C ILE A 392 2.71 -23.99 -19.18
N TYR A 393 3.81 -23.70 -19.86
CA TYR A 393 5.08 -23.49 -19.17
C TYR A 393 4.99 -22.31 -18.21
N VAL A 394 4.35 -21.21 -18.65
CA VAL A 394 4.24 -20.02 -17.80
C VAL A 394 3.43 -20.35 -16.57
N LEU A 395 2.30 -21.04 -16.74
CA LEU A 395 1.46 -21.36 -15.60
C LEU A 395 2.24 -22.21 -14.59
N ARG A 396 3.16 -23.07 -15.05
CA ARG A 396 3.96 -23.86 -14.11
C ARG A 396 4.91 -22.97 -13.31
N LYS A 397 5.65 -22.11 -13.99
CA LYS A 397 6.63 -21.29 -13.30
C LYS A 397 5.97 -20.29 -12.35
N ILE A 398 4.87 -19.69 -12.79
CA ILE A 398 4.16 -18.75 -11.92
C ILE A 398 3.59 -19.48 -10.71
N CYS A 399 3.10 -20.72 -10.90
CA CYS A 399 2.64 -21.52 -9.76
C CYS A 399 3.78 -21.89 -8.83
N GLU A 400 4.94 -22.26 -9.38
CA GLU A 400 6.10 -22.58 -8.54
C GLU A 400 6.52 -21.36 -7.73
N ALA A 401 6.72 -20.23 -8.41
CA ALA A 401 7.23 -19.04 -7.73
C ALA A 401 6.31 -18.61 -6.58
N VAL A 402 4.99 -18.60 -6.82
CA VAL A 402 4.06 -18.21 -5.77
C VAL A 402 4.06 -19.23 -4.64
N TYR A 403 3.81 -20.50 -4.97
CA TYR A 403 3.67 -21.50 -3.92
C TYR A 403 4.95 -21.66 -3.09
N ASN A 404 6.10 -21.56 -3.74
CA ASN A 404 7.34 -21.68 -3.00
C ASN A 404 7.47 -20.56 -1.98
N ARG A 405 7.01 -19.35 -2.33
CA ARG A 405 7.07 -18.25 -1.37
C ARG A 405 6.25 -18.57 -0.12
N SER A 406 5.08 -19.18 -0.31
CA SER A 406 4.26 -19.58 0.81
C SER A 406 4.97 -20.63 1.66
N ALA A 407 5.54 -21.64 1.02
CA ALA A 407 6.23 -22.70 1.76
C ALA A 407 7.48 -22.17 2.45
N ALA A 408 8.24 -21.31 1.78
CA ALA A 408 9.46 -20.79 2.38
C ALA A 408 9.16 -20.00 3.65
N LEU A 409 8.25 -19.02 3.55
CA LEU A 409 7.90 -18.25 4.73
C LEU A 409 7.24 -19.14 5.79
N ALA A 410 6.52 -20.18 5.35
CA ALA A 410 5.89 -21.07 6.32
C ALA A 410 6.93 -21.84 7.12
N ALA A 411 7.96 -22.36 6.44
CA ALA A 411 9.06 -23.03 7.11
C ALA A 411 9.74 -22.11 8.10
N GLY A 412 10.06 -20.88 7.65
CA GLY A 412 10.66 -19.91 8.55
C GLY A 412 9.81 -19.69 9.78
N THR A 413 8.50 -19.60 9.58
CA THR A 413 7.61 -19.46 10.72
C THR A 413 7.78 -20.61 11.70
N ILE A 414 7.72 -21.85 11.21
CA ILE A 414 7.87 -22.99 12.10
C ILE A 414 9.20 -22.92 12.83
N ALA A 415 10.27 -22.68 12.09
CA ALA A 415 11.60 -22.62 12.69
C ALA A 415 11.67 -21.56 13.77
N ALA A 416 11.09 -20.38 13.50
CA ALA A 416 11.12 -19.30 14.48
C ALA A 416 10.37 -19.69 15.74
N ILE A 417 9.21 -20.33 15.60
CA ILE A 417 8.50 -20.85 16.76
C ILE A 417 9.36 -21.87 17.46
N ALA A 418 10.00 -22.76 16.70
CA ALA A 418 10.87 -23.75 17.31
C ALA A 418 12.00 -23.07 18.08
N LYS A 419 12.58 -22.04 17.49
CA LYS A 419 13.68 -21.36 18.15
C LYS A 419 13.24 -20.74 19.48
N ARG A 420 12.03 -20.16 19.55
CA ARG A 420 11.55 -19.59 20.81
C ARG A 420 11.43 -20.66 21.90
N ILE A 421 10.89 -21.83 21.54
CA ILE A 421 10.81 -22.92 22.52
C ILE A 421 12.19 -23.40 22.91
N LYS A 422 13.06 -23.61 21.95
CA LYS A 422 14.36 -24.19 22.23
C LYS A 422 15.24 -23.25 23.05
N ILE A 423 14.95 -21.94 23.04
CA ILE A 423 15.71 -20.97 23.84
C ILE A 423 15.68 -21.38 25.30
N ILE A 424 14.53 -21.86 25.78
CA ILE A 424 14.36 -22.38 27.14
C ILE A 424 14.50 -23.90 27.18
N GLU A 425 13.85 -24.60 26.24
CA GLU A 425 13.71 -26.05 26.26
C GLU A 425 14.19 -26.63 24.95
N HIS A 426 15.38 -27.25 24.95
CA HIS A 426 15.95 -27.85 23.75
C HIS A 426 16.07 -29.35 23.98
N SER A 427 15.46 -30.07 23.03
CA SER A 427 15.28 -31.51 23.05
C SER A 427 14.71 -31.93 21.70
N LYS A 428 14.11 -33.10 21.69
CA LYS A 428 13.40 -33.63 20.56
C LYS A 428 11.96 -33.24 20.86
N PHE A 429 11.21 -32.81 19.84
CA PHE A 429 9.77 -32.55 19.97
C PHE A 429 9.17 -32.54 18.57
N THR A 430 7.84 -32.59 18.51
CA THR A 430 7.16 -32.68 17.22
C THR A 430 6.21 -31.50 17.02
N CYS A 431 5.99 -31.19 15.74
CA CYS A 431 5.13 -30.10 15.31
C CYS A 431 4.09 -30.67 14.37
N GLY A 432 2.82 -30.48 14.71
CA GLY A 432 1.72 -31.04 13.93
C GLY A 432 1.18 -29.99 12.97
N VAL A 433 0.99 -30.42 11.73
CA VAL A 433 0.58 -29.53 10.64
C VAL A 433 -0.74 -30.01 10.08
N ASP A 434 -1.68 -29.07 9.88
CA ASP A 434 -3.01 -29.34 9.34
C ASP A 434 -3.36 -28.25 8.33
N GLY A 435 -4.35 -28.53 7.49
CA GLY A 435 -4.85 -27.56 6.53
C GLY A 435 -4.62 -27.97 5.10
N SER A 436 -5.52 -27.56 4.21
CA SER A 436 -5.55 -28.07 2.83
C SER A 436 -4.22 -27.88 2.12
N LEU A 437 -3.56 -26.75 2.34
CA LEU A 437 -2.30 -26.45 1.66
C LEU A 437 -1.20 -27.46 1.97
N PHE A 438 -1.28 -28.16 3.11
CA PHE A 438 -0.22 -29.06 3.52
C PHE A 438 -0.53 -30.54 3.29
N VAL A 439 -1.77 -30.96 3.56
CA VAL A 439 -2.14 -32.35 3.39
C VAL A 439 -2.72 -32.66 2.00
N LYS A 440 -3.23 -31.66 1.28
CA LYS A 440 -3.80 -31.84 -0.06
C LYS A 440 -2.88 -31.29 -1.14
N ASN A 441 -1.57 -31.29 -0.90
CA ASN A 441 -0.66 -30.77 -1.92
C ASN A 441 0.71 -31.38 -1.60
N ALA A 442 1.06 -32.44 -2.32
CA ALA A 442 2.32 -33.12 -2.06
C ALA A 442 3.51 -32.21 -2.33
N TRP A 443 3.44 -31.44 -3.42
CA TRP A 443 4.53 -30.53 -3.79
C TRP A 443 4.80 -29.52 -2.68
N TYR A 444 3.73 -28.91 -2.14
CA TYR A 444 3.89 -27.93 -1.08
C TYR A 444 4.52 -28.57 0.15
N CYS A 445 3.99 -29.72 0.56
CA CYS A 445 4.52 -30.44 1.72
C CYS A 445 6.01 -30.74 1.56
N LYS A 446 6.44 -31.08 0.35
CA LYS A 446 7.86 -31.27 0.08
C LYS A 446 8.65 -29.99 0.30
N ARG A 447 8.20 -28.87 -0.32
CA ARG A 447 8.98 -27.63 -0.25
C ARG A 447 9.04 -27.09 1.17
N LEU A 448 7.93 -27.10 1.88
CA LEU A 448 7.96 -26.61 3.24
C LEU A 448 9.00 -27.37 4.05
N GLN A 449 9.00 -28.70 3.95
CA GLN A 449 9.95 -29.51 4.71
C GLN A 449 11.37 -29.31 4.20
N GLU A 450 11.54 -29.13 2.88
CA GLU A 450 12.87 -28.88 2.36
C GLU A 450 13.42 -27.58 2.94
N HIS A 451 12.67 -26.49 2.81
CA HIS A 451 13.16 -25.22 3.32
C HIS A 451 13.39 -25.31 4.81
N LEU A 452 12.46 -25.94 5.53
CA LEU A 452 12.57 -26.10 6.97
C LEU A 452 13.84 -26.85 7.36
N LYS A 453 14.22 -27.86 6.59
CA LYS A 453 15.46 -28.58 6.87
C LYS A 453 16.67 -27.65 6.71
N VAL A 454 16.62 -26.72 5.77
CA VAL A 454 17.74 -25.80 5.52
C VAL A 454 17.89 -24.80 6.67
N ILE A 455 16.79 -24.23 7.14
CA ILE A 455 16.89 -23.18 8.16
C ILE A 455 17.34 -23.75 9.49
N LEU A 456 16.76 -24.88 9.87
CA LEU A 456 17.11 -25.53 11.13
C LEU A 456 18.56 -25.92 11.18
N ALA A 457 19.21 -26.08 10.03
CA ALA A 457 20.64 -26.35 9.89
C ALA A 457 20.89 -27.74 10.51
N ASP A 458 21.82 -27.87 11.46
CA ASP A 458 22.16 -29.18 12.03
C ASP A 458 21.04 -29.78 12.87
N LYS A 459 20.27 -28.94 13.58
CA LYS A 459 19.25 -29.42 14.50
C LYS A 459 18.02 -29.95 13.79
N ALA A 460 18.02 -29.96 12.45
CA ALA A 460 16.86 -30.28 11.63
C ALA A 460 16.24 -31.61 12.05
N GLU A 461 17.08 -32.54 12.51
CA GLU A 461 16.58 -33.83 12.97
C GLU A 461 15.76 -33.70 14.25
N ASN A 462 15.91 -32.57 14.98
CA ASN A 462 15.24 -32.41 16.28
C ASN A 462 13.76 -32.10 16.12
N LEU A 463 13.39 -31.42 15.06
CA LEU A 463 11.99 -31.08 14.85
C LEU A 463 11.37 -32.16 14.00
N ILE A 464 10.27 -32.72 14.48
CA ILE A 464 9.57 -33.76 13.77
C ILE A 464 8.26 -33.17 13.25
N ILE A 465 8.11 -33.14 11.93
CA ILE A 465 6.87 -32.71 11.30
C ILE A 465 5.99 -33.94 11.12
N ILE A 466 4.78 -33.88 11.64
CA ILE A 466 3.86 -34.99 11.43
C ILE A 466 2.54 -34.43 10.93
N PRO A 467 1.92 -35.02 9.92
CA PRO A 467 0.60 -34.53 9.50
C PRO A 467 -0.41 -34.92 10.56
N ALA A 468 -1.35 -34.01 10.82
CA ALA A 468 -2.42 -34.26 11.78
C ALA A 468 -3.72 -33.90 11.05
N ASP A 469 -4.20 -34.84 10.23
CA ASP A 469 -5.39 -34.65 9.42
C ASP A 469 -6.64 -34.61 10.32
N ASP A 470 -7.44 -33.55 10.18
CA ASP A 470 -8.63 -33.29 11.00
C ASP A 470 -8.29 -33.08 12.47
N GLY A 471 -7.08 -32.59 12.74
CA GLY A 471 -6.75 -32.24 14.10
C GLY A 471 -7.64 -31.16 14.67
N SER A 472 -8.09 -30.23 13.81
CA SER A 472 -9.00 -29.20 14.27
C SER A 472 -10.29 -29.80 14.86
N GLY A 473 -10.84 -30.83 14.22
CA GLY A 473 -12.08 -31.43 14.70
C GLY A 473 -11.92 -32.42 15.84
N LYS A 474 -10.88 -33.27 15.77
CA LYS A 474 -10.61 -34.21 16.85
C LYS A 474 -10.31 -33.47 18.15
N GLY A 475 -9.48 -32.42 18.06
CA GLY A 475 -9.01 -31.73 19.25
C GLY A 475 -10.13 -31.13 20.09
N ALA A 476 -11.18 -30.64 19.45
CA ALA A 476 -12.32 -30.16 20.23
C ALA A 476 -12.91 -31.27 21.09
N ALA A 477 -13.05 -32.46 20.52
CA ALA A 477 -13.60 -33.59 21.27
C ALA A 477 -12.66 -34.01 22.40
N ILE A 478 -11.37 -34.16 22.07
CA ILE A 478 -10.38 -34.54 23.09
C ILE A 478 -10.40 -33.53 24.23
N THR A 479 -10.55 -32.25 23.92
CA THR A 479 -10.65 -31.22 24.96
C THR A 479 -11.89 -31.43 25.82
N ALA A 480 -13.00 -31.80 25.21
CA ALA A 480 -14.20 -32.09 26.00
C ALA A 480 -13.95 -33.25 26.96
N ALA A 481 -13.17 -34.23 26.53
CA ALA A 481 -12.83 -35.35 27.41
C ALA A 481 -11.98 -34.89 28.58
N VAL A 482 -10.93 -34.12 28.30
CA VAL A 482 -9.99 -33.72 29.36
C VAL A 482 -10.70 -32.91 30.42
N ILE A 483 -11.73 -32.15 30.04
CA ILE A 483 -12.56 -31.51 31.05
C ILE A 483 -13.20 -32.56 31.94
N ALA A 484 -13.74 -33.63 31.34
CA ALA A 484 -14.37 -34.70 32.12
C ALA A 484 -13.39 -35.28 33.14
N LEU A 485 -12.16 -35.55 32.70
CA LEU A 485 -11.11 -36.10 33.56
C LEU A 485 -10.70 -35.15 34.68
N ASN A 486 -10.95 -33.85 34.52
CA ASN A 486 -10.45 -32.83 35.44
C ASN A 486 -8.91 -32.82 35.39
N ILE B 23 -22.06 6.88 -29.26
CA ILE B 23 -22.74 7.10 -27.97
C ILE B 23 -23.30 5.84 -27.25
N PRO B 24 -23.57 4.68 -27.97
CA PRO B 24 -24.07 3.49 -27.25
C PRO B 24 -22.94 2.62 -26.74
N ILE B 25 -22.99 2.20 -25.48
CA ILE B 25 -21.82 1.64 -24.83
C ILE B 25 -22.21 0.31 -24.19
N ASN B 26 -21.33 -0.68 -24.39
CA ASN B 26 -21.44 -2.00 -23.79
C ASN B 26 -21.61 -1.85 -22.27
N GLU B 27 -22.60 -2.56 -21.69
CA GLU B 27 -22.81 -2.44 -20.24
C GLU B 27 -21.73 -3.17 -19.44
N GLU B 28 -21.23 -4.30 -19.95
CA GLU B 28 -20.09 -4.93 -19.29
C GLU B 28 -18.90 -3.97 -19.26
N LEU B 29 -18.76 -3.14 -20.31
CA LEU B 29 -17.80 -2.03 -20.28
C LEU B 29 -18.22 -0.97 -19.27
N SER B 30 -19.50 -0.59 -19.28
CA SER B 30 -19.95 0.47 -18.38
C SER B 30 -19.80 0.06 -16.93
N TRP B 31 -19.98 -1.23 -16.62
CA TRP B 31 -19.71 -1.74 -15.28
C TRP B 31 -18.24 -1.55 -14.90
N ARG B 32 -17.33 -1.84 -15.84
CA ARG B 32 -15.93 -1.66 -15.53
C ARG B 32 -15.57 -0.20 -15.35
N ILE B 33 -16.02 0.66 -16.28
CA ILE B 33 -15.66 2.07 -16.14
C ILE B 33 -16.23 2.59 -14.83
N ASN B 34 -17.46 2.20 -14.49
CA ASN B 34 -18.02 2.64 -13.22
C ASN B 34 -17.20 2.11 -12.04
N LYS B 35 -16.70 0.87 -12.12
CA LYS B 35 -15.93 0.34 -11.01
C LYS B 35 -14.68 1.18 -10.77
N PHE B 36 -13.93 1.45 -11.85
CA PHE B 36 -12.66 2.15 -11.70
C PHE B 36 -12.86 3.66 -11.47
N VAL B 37 -13.84 4.28 -12.14
CA VAL B 37 -14.13 5.67 -11.83
C VAL B 37 -14.47 5.81 -10.35
N ASN B 38 -15.17 4.80 -9.81
CA ASN B 38 -15.60 4.87 -8.42
C ASN B 38 -14.40 4.88 -7.47
N GLN B 39 -13.28 4.28 -7.89
CA GLN B 39 -12.06 4.35 -7.09
C GLN B 39 -11.42 5.74 -7.12
N LEU B 40 -11.79 6.59 -8.09
CA LEU B 40 -11.21 7.91 -8.25
C LEU B 40 -12.12 9.05 -7.84
N ARG B 41 -13.32 8.77 -7.34
CA ARG B 41 -14.20 9.84 -6.93
C ARG B 41 -13.72 10.46 -5.62
N ILE B 42 -13.92 11.77 -5.50
CA ILE B 42 -13.61 12.47 -4.26
C ILE B 42 -14.89 13.20 -3.87
N SER B 43 -15.64 12.59 -2.97
CA SER B 43 -16.89 13.20 -2.57
C SER B 43 -16.61 14.45 -1.73
N TYR B 44 -17.60 15.33 -1.72
CA TYR B 44 -17.49 16.59 -0.99
C TYR B 44 -17.22 16.30 0.48
N SER B 45 -17.76 15.21 1.03
CA SER B 45 -17.47 14.86 2.41
C SER B 45 -16.00 14.50 2.60
N THR B 46 -15.49 13.56 1.77
CA THR B 46 -14.10 13.13 1.98
C THR B 46 -13.14 14.27 1.68
N LEU B 47 -13.41 15.06 0.63
CA LEU B 47 -12.55 16.19 0.35
C LEU B 47 -12.56 17.18 1.51
N GLU B 48 -13.69 17.28 2.19
CA GLU B 48 -13.78 18.10 3.40
C GLU B 48 -12.90 17.54 4.52
N GLU B 49 -12.94 16.22 4.74
CA GLU B 49 -12.03 15.65 5.73
C GLU B 49 -10.58 15.90 5.34
N PHE B 50 -10.27 15.88 4.04
CA PHE B 50 -8.93 16.20 3.57
C PHE B 50 -8.50 17.58 4.04
N VAL B 51 -9.37 18.58 3.83
CA VAL B 51 -9.07 19.93 4.31
C VAL B 51 -8.86 19.92 5.81
N ASP B 52 -9.64 19.13 6.55
CA ASP B 52 -9.44 19.05 8.00
C ASP B 52 -8.07 18.47 8.31
N ASN B 53 -7.76 17.30 7.75
CA ASN B 53 -6.47 16.66 8.01
C ASN B 53 -5.28 17.53 7.58
N PHE B 54 -5.38 18.17 6.42
CA PHE B 54 -4.29 19.01 5.94
C PHE B 54 -4.01 20.18 6.92
N VAL B 55 -5.06 20.88 7.38
CA VAL B 55 -4.83 22.03 8.26
C VAL B 55 -4.16 21.59 9.55
N TYR B 56 -4.62 20.47 10.11
CA TYR B 56 -4.01 19.93 11.31
C TYR B 56 -2.53 19.70 11.10
N GLU B 57 -2.17 19.08 9.97
CA GLU B 57 -0.78 18.77 9.68
C GLU B 57 0.05 20.03 9.61
N LEU B 58 -0.54 21.12 9.11
CA LEU B 58 0.17 22.40 9.10
C LEU B 58 0.49 22.87 10.51
N LYS B 59 -0.49 22.82 11.42
CA LYS B 59 -0.20 23.20 12.80
C LYS B 59 0.84 22.26 13.40
N LYS B 60 0.68 20.95 13.22
CA LYS B 60 1.69 20.03 13.73
C LYS B 60 3.07 20.33 13.14
N GLY B 61 3.14 20.74 11.86
CA GLY B 61 4.41 21.10 11.29
C GLY B 61 5.03 22.31 11.95
N LEU B 62 4.21 23.34 12.18
CA LEU B 62 4.70 24.56 12.80
C LEU B 62 5.27 24.25 14.17
N GLU B 63 4.53 23.47 14.95
CA GLU B 63 4.99 23.13 16.28
C GLU B 63 6.29 22.32 16.22
N ALA B 64 6.38 21.38 15.28
CA ALA B 64 7.61 20.59 15.11
C ALA B 64 8.82 21.47 14.79
N HIS B 65 8.60 22.49 13.95
CA HIS B 65 9.73 23.33 13.61
C HIS B 65 10.21 24.12 14.83
N ARG B 66 9.28 24.65 15.64
CA ARG B 66 9.65 25.40 16.83
C ARG B 66 10.39 24.53 17.84
N LYS B 67 10.02 23.26 17.92
CA LYS B 67 10.66 22.34 18.83
C LYS B 67 12.08 22.01 18.37
N HIS B 68 12.26 21.79 17.07
CA HIS B 68 13.57 21.42 16.52
C HIS B 68 13.73 22.02 15.13
N PRO B 69 14.07 23.31 15.04
CA PRO B 69 14.08 23.98 13.73
C PRO B 69 14.99 23.33 12.69
N ASN B 70 16.08 22.73 13.12
CA ASN B 70 17.08 22.18 12.21
C ASN B 70 16.78 20.78 11.72
N LEU B 71 15.82 20.07 12.31
CA LEU B 71 15.62 18.65 12.04
C LEU B 71 14.20 18.37 11.58
N TRP B 72 14.06 17.54 10.54
CA TRP B 72 12.76 17.09 10.09
C TRP B 72 12.49 15.74 10.72
N ILE B 73 11.46 15.66 11.56
CA ILE B 73 11.02 14.37 12.08
C ILE B 73 9.76 13.95 11.32
N PRO B 74 9.84 13.10 10.30
CA PRO B 74 8.66 12.84 9.48
C PRO B 74 7.51 12.28 10.30
N HIS B 75 7.79 11.51 11.35
CA HIS B 75 6.66 11.01 12.13
C HIS B 75 5.90 12.11 12.83
N GLU B 76 6.55 13.25 13.09
CA GLU B 76 5.88 14.38 13.76
C GLU B 76 5.10 15.21 12.76
N CYS B 77 5.54 15.21 11.50
CA CYS B 77 4.81 15.91 10.46
C CYS B 77 5.29 15.53 9.06
N SER B 78 4.36 15.19 8.17
CA SER B 78 4.67 14.87 6.79
C SER B 78 5.23 16.07 6.03
N PHE B 79 4.87 17.28 6.46
CA PHE B 79 5.36 18.49 5.80
C PHE B 79 6.74 18.83 6.31
N LYS B 80 7.65 19.15 5.40
CA LYS B 80 8.97 19.52 5.87
C LYS B 80 8.98 20.94 6.40
N MET B 81 8.02 21.76 5.97
CA MET B 81 7.82 23.11 6.51
C MET B 81 9.13 23.90 6.56
N LEU B 82 9.72 24.10 5.38
CA LEU B 82 11.09 24.58 5.29
C LEU B 82 11.17 26.09 5.24
N ASP B 83 12.18 26.62 5.90
CA ASP B 83 12.38 28.06 5.94
C ASP B 83 12.97 28.53 4.62
N SER B 84 12.35 29.52 4.02
CA SER B 84 12.89 30.08 2.80
C SER B 84 13.99 31.11 3.03
N CYS B 85 14.15 31.60 4.26
CA CYS B 85 15.09 32.68 4.58
C CYS B 85 14.75 33.98 3.86
N ILE B 86 13.54 34.07 3.32
CA ILE B 86 13.12 35.26 2.62
C ILE B 86 12.45 36.17 3.63
N ALA B 87 13.03 37.35 3.85
CA ALA B 87 12.52 38.27 4.84
C ALA B 87 11.98 39.57 4.29
N ASN B 88 12.28 39.92 3.06
CA ASN B 88 11.76 41.14 2.45
C ASN B 88 10.98 40.73 1.22
N ILE B 89 9.66 40.65 1.32
CA ILE B 89 8.90 40.38 0.10
C ILE B 89 9.11 41.59 -0.81
N PRO B 90 9.11 41.41 -2.13
CA PRO B 90 9.36 42.53 -3.04
C PRO B 90 8.35 43.65 -2.86
N THR B 91 8.84 44.89 -2.95
CA THR B 91 7.99 46.09 -2.84
C THR B 91 7.34 46.48 -4.16
N GLY B 92 7.63 45.80 -5.27
CA GLY B 92 7.10 46.15 -6.57
C GLY B 92 7.89 47.21 -7.31
N GLN B 93 8.76 47.93 -6.59
CA GLN B 93 9.56 49.03 -7.10
C GLN B 93 11.01 48.63 -7.34
N GLU B 94 11.32 47.35 -7.24
CA GLU B 94 12.68 46.88 -7.48
C GLU B 94 13.05 47.05 -8.96
N LYS B 95 14.29 47.47 -9.20
CA LYS B 95 14.70 47.89 -10.53
C LYS B 95 16.01 47.22 -10.89
N GLY B 96 16.20 46.92 -12.18
CA GLY B 96 17.41 46.31 -12.66
C GLY B 96 17.19 45.12 -13.56
N THR B 97 18.29 44.61 -14.12
CA THR B 97 18.31 43.36 -14.88
C THR B 97 19.16 42.33 -14.14
N TYR B 98 18.59 41.13 -13.97
CA TYR B 98 19.24 40.06 -13.25
C TYR B 98 19.12 38.73 -14.01
N TYR B 99 20.12 37.87 -13.81
CA TYR B 99 20.13 36.56 -14.41
C TYR B 99 19.54 35.55 -13.44
N ALA B 100 18.78 34.58 -13.98
CA ALA B 100 18.20 33.53 -13.15
C ALA B 100 18.34 32.18 -13.81
N ILE B 101 18.38 31.14 -12.98
CA ILE B 101 18.47 29.74 -13.38
C ILE B 101 17.27 29.00 -12.79
N ASP B 102 16.52 28.31 -13.64
CA ASP B 102 15.28 27.66 -13.21
C ASP B 102 15.41 26.16 -13.39
N PHE B 103 15.86 25.47 -12.34
CA PHE B 103 15.96 24.02 -12.41
C PHE B 103 14.64 23.50 -11.86
N GLY B 104 13.66 23.44 -12.71
CA GLY B 104 12.34 23.04 -12.29
C GLY B 104 12.14 21.55 -12.48
N GLY B 105 10.89 21.19 -12.64
CA GLY B 105 10.60 19.88 -13.14
C GLY B 105 10.04 20.08 -14.54
N THR B 106 9.25 21.15 -14.69
CA THR B 106 8.52 21.35 -15.94
C THR B 106 9.49 21.41 -17.13
N ASN B 107 10.72 21.88 -16.90
CA ASN B 107 11.89 21.87 -17.81
C ASN B 107 13.07 22.59 -17.16
N PHE B 108 14.23 22.66 -17.79
CA PHE B 108 15.30 23.48 -17.26
C PHE B 108 15.45 24.73 -18.13
N ARG B 109 15.30 25.89 -17.51
CA ARG B 109 15.15 27.14 -18.24
C ARG B 109 16.16 28.15 -17.73
N ALA B 110 16.80 28.87 -18.65
CA ALA B 110 17.76 29.92 -18.33
C ALA B 110 17.14 31.26 -18.68
N VAL B 111 17.27 32.25 -17.79
CA VAL B 111 16.41 33.44 -17.85
C VAL B 111 17.24 34.71 -17.73
N ARG B 112 16.71 35.78 -18.31
CA ARG B 112 17.23 37.12 -18.13
C ARG B 112 16.01 38.00 -17.95
N ALA B 113 16.00 38.82 -16.89
CA ALA B 113 14.83 39.58 -16.52
C ALA B 113 15.19 41.02 -16.27
N SER B 114 14.32 41.94 -16.71
CA SER B 114 14.47 43.36 -16.44
C SER B 114 13.30 43.83 -15.60
N LEU B 115 13.59 44.53 -14.51
CA LEU B 115 12.57 45.10 -13.61
C LEU B 115 12.57 46.61 -13.76
N ASP B 116 11.37 47.17 -13.91
CA ASP B 116 11.21 48.57 -14.29
C ASP B 116 10.87 49.50 -13.13
N GLY B 117 10.82 49.02 -11.90
CA GLY B 117 10.37 49.85 -10.79
C GLY B 117 8.87 49.88 -10.56
N LYS B 118 8.07 49.34 -11.48
CA LYS B 118 6.67 48.98 -11.24
C LYS B 118 6.49 47.50 -11.56
N GLY B 119 5.28 46.99 -11.40
CA GLY B 119 5.09 45.56 -11.51
C GLY B 119 5.19 45.05 -12.95
N LYS B 120 6.21 45.48 -13.67
CA LYS B 120 6.40 45.03 -15.05
C LYS B 120 7.76 44.38 -15.18
N ILE B 121 7.79 43.26 -15.91
CA ILE B 121 9.01 42.50 -16.15
C ILE B 121 9.08 42.18 -17.64
N LYS B 122 10.16 42.58 -18.28
CA LYS B 122 10.55 42.01 -19.56
C LYS B 122 11.42 40.79 -19.27
N ARG B 123 11.15 39.73 -20.02
CA ARG B 123 11.75 38.44 -19.72
C ARG B 123 12.18 37.85 -21.04
N ASP B 124 13.36 37.26 -21.02
CA ASP B 124 13.91 36.56 -22.18
C ASP B 124 14.37 35.20 -21.69
N GLN B 125 13.74 34.14 -22.20
CA GLN B 125 13.75 32.84 -21.57
C GLN B 125 14.18 31.81 -22.59
N GLU B 126 14.89 30.79 -22.10
CA GLU B 126 15.51 29.79 -22.98
C GLU B 126 15.40 28.40 -22.37
N THR B 127 14.51 27.55 -22.92
CA THR B 127 14.18 26.26 -22.32
C THR B 127 15.07 25.16 -22.92
N TYR B 128 16.20 24.87 -22.23
CA TYR B 128 17.27 23.94 -22.62
C TYR B 128 17.45 22.76 -21.67
N SER B 129 16.53 21.81 -21.75
CA SER B 129 16.48 20.72 -20.81
C SER B 129 16.51 19.38 -21.52
N LEU B 130 17.04 18.38 -20.83
CA LEU B 130 16.64 17.05 -21.24
C LEU B 130 15.20 17.08 -20.77
N LYS B 131 14.31 17.50 -21.67
CA LYS B 131 12.92 17.75 -21.33
C LYS B 131 12.37 16.55 -20.58
N PHE B 132 11.72 16.84 -19.44
CA PHE B 132 11.56 15.83 -18.40
C PHE B 132 10.25 15.06 -18.59
N THR B 133 10.26 14.24 -19.65
CA THR B 133 9.26 13.20 -19.85
C THR B 133 9.95 11.87 -19.59
N GLY B 134 9.24 10.95 -18.95
CA GLY B 134 9.87 9.72 -18.53
C GLY B 134 10.30 9.77 -17.08
N SER B 135 9.60 9.04 -16.23
CA SER B 135 10.03 8.84 -14.86
C SER B 135 10.81 7.54 -14.69
N TYR B 136 10.94 6.75 -15.76
CA TYR B 136 11.58 5.44 -15.72
C TYR B 136 12.60 5.29 -16.86
N SER B 137 13.54 4.34 -16.67
CA SER B 137 14.51 3.88 -17.69
C SER B 137 15.61 4.90 -17.96
N HIS B 138 16.53 4.61 -18.89
CA HIS B 138 17.49 5.60 -19.37
C HIS B 138 16.78 6.53 -20.35
N GLU B 139 17.52 7.23 -21.20
CA GLU B 139 17.12 8.45 -21.91
C GLU B 139 16.94 9.56 -20.89
N LYS B 140 17.20 9.28 -19.62
CA LYS B 140 17.26 10.24 -18.53
C LYS B 140 18.71 10.60 -18.22
N GLY B 141 19.50 10.74 -19.28
CA GLY B 141 20.91 11.07 -19.21
C GLY B 141 21.39 11.97 -18.09
N LEU B 142 20.87 13.19 -17.97
CA LEU B 142 21.26 13.96 -16.79
C LEU B 142 20.40 13.71 -15.55
N LEU B 143 19.22 13.09 -15.68
CA LEU B 143 18.46 12.63 -14.52
C LEU B 143 18.95 11.28 -14.00
N ASP B 144 19.81 10.59 -14.74
CA ASP B 144 20.11 9.20 -14.44
C ASP B 144 20.94 9.06 -13.17
N LYS B 145 20.74 7.91 -12.50
CA LYS B 145 21.55 7.62 -11.32
C LYS B 145 23.04 7.66 -11.65
N HIS B 146 23.39 7.40 -12.90
CA HIS B 146 24.80 7.34 -13.29
C HIS B 146 25.38 8.68 -13.75
N ALA B 147 24.57 9.69 -13.98
CA ALA B 147 25.12 11.02 -14.24
C ALA B 147 25.65 11.64 -12.96
N THR B 148 26.78 12.33 -13.07
CA THR B 148 27.41 12.96 -11.91
C THR B 148 26.91 14.38 -11.70
N ALA B 149 27.20 14.89 -10.49
CA ALA B 149 26.88 16.28 -10.17
C ALA B 149 27.64 17.24 -11.07
N SER B 150 28.92 16.98 -11.31
CA SER B 150 29.69 17.88 -12.16
C SER B 150 29.07 17.96 -13.56
N GLN B 151 28.62 16.82 -14.10
CA GLN B 151 27.94 16.86 -15.40
C GLN B 151 26.70 17.75 -15.31
N LEU B 152 25.90 17.59 -14.26
CA LEU B 152 24.66 18.34 -14.19
C LEU B 152 24.91 19.85 -14.10
N PHE B 153 25.81 20.25 -13.22
CA PHE B 153 26.04 21.68 -13.08
C PHE B 153 26.89 22.24 -14.21
N ASP B 154 27.80 21.43 -14.76
CA ASP B 154 28.51 21.87 -15.97
C ASP B 154 27.53 22.20 -17.06
N HIS B 155 26.49 21.38 -17.22
CA HIS B 155 25.46 21.70 -18.18
C HIS B 155 24.75 23.00 -17.83
N PHE B 156 24.50 23.25 -16.55
CA PHE B 156 23.84 24.49 -16.17
C PHE B 156 24.67 25.70 -16.56
N ALA B 157 25.98 25.65 -16.26
CA ALA B 157 26.84 26.78 -16.58
C ALA B 157 26.90 27.02 -18.09
N GLU B 158 26.94 25.95 -18.89
CA GLU B 158 27.01 26.12 -20.35
C GLU B 158 25.84 26.93 -20.84
N ARG B 159 24.64 26.58 -20.38
CA ARG B 159 23.47 27.24 -20.92
C ARG B 159 23.39 28.68 -20.42
N ILE B 160 23.99 28.95 -19.25
CA ILE B 160 24.13 30.32 -18.77
C ILE B 160 25.15 31.09 -19.61
N LYS B 161 26.22 30.41 -20.04
CA LYS B 161 27.25 31.05 -20.85
C LYS B 161 26.65 31.56 -22.16
N TYR B 162 25.78 30.76 -22.78
CA TYR B 162 25.16 31.21 -24.03
C TYR B 162 24.26 32.42 -23.81
N ILE B 163 23.39 32.39 -22.81
CA ILE B 163 22.52 33.55 -22.60
C ILE B 163 23.32 34.78 -22.17
N MET B 164 24.40 34.60 -21.39
CA MET B 164 25.22 35.75 -21.00
C MET B 164 26.05 36.26 -22.17
N GLY B 165 26.75 35.36 -22.86
CA GLY B 165 27.61 35.77 -23.94
C GLY B 165 26.89 36.57 -24.98
N GLU B 166 25.61 36.27 -25.18
CA GLU B 166 24.82 37.01 -26.14
C GLU B 166 24.74 38.49 -25.74
N PHE B 167 24.29 38.76 -24.52
CA PHE B 167 23.99 40.12 -24.10
C PHE B 167 25.24 40.93 -23.75
N ASN B 168 26.42 40.54 -24.27
CA ASN B 168 27.68 41.24 -24.03
C ASN B 168 28.14 41.16 -22.57
N ASP B 169 27.40 40.47 -21.70
CA ASP B 169 27.76 40.29 -20.30
C ASP B 169 28.82 39.23 -20.07
N LEU B 170 29.11 38.36 -21.04
CA LEU B 170 30.13 37.34 -20.79
C LEU B 170 31.53 37.83 -21.15
N ASP B 171 31.68 38.44 -22.34
CA ASP B 171 33.00 38.70 -22.91
C ASP B 171 33.85 39.57 -21.98
N ASN B 172 33.20 40.28 -21.07
CA ASN B 172 33.79 41.14 -20.04
C ASN B 172 34.25 40.32 -18.82
N LYS B 173 34.83 41.02 -17.82
CA LYS B 173 35.49 40.39 -16.68
C LYS B 173 34.85 40.69 -15.32
N GLU B 174 33.64 41.27 -15.26
CA GLU B 174 33.03 41.65 -13.97
C GLU B 174 31.89 40.71 -13.57
N VAL B 175 31.85 40.39 -12.27
CA VAL B 175 31.07 39.27 -11.76
C VAL B 175 29.61 39.67 -11.70
N LYS B 176 28.74 38.81 -12.22
CA LYS B 176 27.31 39.08 -12.29
C LYS B 176 26.55 38.22 -11.28
N SER B 177 25.63 38.81 -10.55
CA SER B 177 24.89 38.01 -9.58
C SER B 177 23.64 37.41 -10.22
N VAL B 178 23.30 36.20 -9.76
CA VAL B 178 22.28 35.37 -10.38
C VAL B 178 21.44 34.65 -9.31
N GLY B 179 20.12 34.62 -9.53
CA GLY B 179 19.22 33.84 -8.70
C GLY B 179 18.99 32.44 -9.24
N PHE B 180 18.63 31.53 -8.33
CA PHE B 180 18.59 30.10 -8.63
C PHE B 180 17.34 29.49 -8.00
N THR B 181 16.42 29.02 -8.84
CA THR B 181 15.23 28.32 -8.38
C THR B 181 15.50 26.83 -8.47
N PHE B 182 15.68 26.19 -7.31
CA PHE B 182 15.96 24.75 -7.24
C PHE B 182 14.70 24.03 -6.75
N SER B 183 13.98 23.40 -7.67
CA SER B 183 12.64 22.87 -7.40
C SER B 183 12.68 21.51 -6.71
N PHE B 184 13.32 21.48 -5.54
CA PHE B 184 13.43 20.24 -4.78
C PHE B 184 13.56 20.56 -3.31
N PRO B 185 13.14 19.67 -2.41
CA PRO B 185 13.18 20.00 -0.97
C PRO B 185 14.60 20.22 -0.50
N CYS B 186 14.86 21.44 0.00
CA CYS B 186 16.21 21.81 0.44
C CYS B 186 16.20 22.42 1.84
N THR B 187 17.28 22.14 2.57
CA THR B 187 17.56 22.81 3.84
C THR B 187 18.27 24.13 3.56
N SER B 188 17.66 25.25 3.96
CA SER B 188 18.24 26.56 3.72
C SER B 188 18.63 27.21 5.04
N PRO B 189 19.88 27.06 5.48
CA PRO B 189 20.34 27.84 6.62
C PRO B 189 20.45 29.33 6.32
N SER B 190 20.51 29.69 5.04
CA SER B 190 20.63 31.07 4.60
C SER B 190 20.05 31.17 3.19
N ILE B 191 19.92 32.40 2.69
CA ILE B 191 19.35 32.58 1.35
C ILE B 191 20.31 32.11 0.27
N ASN B 192 21.61 32.12 0.53
CA ASN B 192 22.60 31.66 -0.44
C ASN B 192 23.17 30.30 -0.09
N CYS B 193 22.48 29.53 0.73
CA CYS B 193 22.92 28.17 1.08
C CYS B 193 21.71 27.26 1.12
N SER B 194 21.80 26.13 0.44
CA SER B 194 20.66 25.24 0.27
C SER B 194 21.17 23.82 0.02
N ILE B 195 20.88 22.91 0.95
CA ILE B 195 21.36 21.53 0.85
C ILE B 195 20.20 20.63 0.47
N LEU B 196 20.37 19.89 -0.64
CA LEU B 196 19.33 19.00 -1.17
C LEU B 196 19.04 17.86 -0.19
N ILE B 197 17.78 17.65 0.15
CA ILE B 197 17.43 16.60 1.10
C ILE B 197 17.09 15.28 0.38
N ASP B 198 16.25 15.35 -0.65
CA ASP B 198 15.73 14.15 -1.29
C ASP B 198 15.31 14.56 -2.70
N TRP B 199 15.77 13.83 -3.71
CA TRP B 199 15.30 14.03 -5.08
C TRP B 199 13.83 13.61 -5.19
N THR B 200 13.05 14.36 -5.97
CA THR B 200 11.69 13.93 -6.27
C THR B 200 11.44 13.87 -7.77
N LYS B 201 10.17 13.63 -8.16
CA LYS B 201 9.69 13.70 -9.55
C LYS B 201 10.47 12.79 -10.51
N GLY B 202 11.08 11.72 -10.00
CA GLY B 202 11.81 10.79 -10.82
C GLY B 202 13.29 11.08 -11.01
N PHE B 203 13.79 12.22 -10.55
CA PHE B 203 15.21 12.48 -10.64
C PHE B 203 15.96 11.56 -9.70
N GLU B 204 17.15 11.09 -10.14
CA GLU B 204 18.07 10.33 -9.31
C GLU B 204 19.53 10.75 -9.49
N THR B 205 19.78 11.97 -9.98
CA THR B 205 21.11 12.33 -10.46
C THR B 205 22.18 12.08 -9.40
N GLY B 206 23.25 11.42 -9.82
CA GLY B 206 24.39 11.16 -8.98
C GLY B 206 24.22 10.03 -7.99
N ARG B 207 23.03 9.43 -7.88
CA ARG B 207 22.83 8.44 -6.82
C ARG B 207 23.73 7.22 -6.95
N ALA B 208 24.23 6.92 -8.14
CA ALA B 208 25.05 5.73 -8.33
C ALA B 208 26.52 6.09 -8.53
N THR B 209 26.93 7.27 -8.10
CA THR B 209 28.28 7.75 -8.39
C THR B 209 28.95 8.22 -7.11
N ASN B 210 30.21 8.64 -7.25
CA ASN B 210 31.01 9.18 -6.17
C ASN B 210 30.92 10.70 -6.09
N ASP B 211 30.07 11.30 -6.91
CA ASP B 211 29.95 12.77 -7.02
C ASP B 211 28.46 13.07 -6.98
N PRO B 212 27.83 12.95 -5.82
CA PRO B 212 26.37 13.03 -5.75
C PRO B 212 25.93 14.48 -5.68
N VAL B 213 24.63 14.68 -5.90
CA VAL B 213 24.01 15.96 -5.62
C VAL B 213 23.40 15.96 -4.23
N GLU B 214 22.74 14.86 -3.87
CA GLU B 214 22.05 14.78 -2.58
C GLU B 214 23.00 15.01 -1.42
N GLY B 215 22.56 15.83 -0.48
CA GLY B 215 23.35 16.15 0.69
C GLY B 215 24.41 17.18 0.45
N ARG B 216 24.34 17.97 -0.63
CA ARG B 216 25.33 18.97 -0.94
C ARG B 216 24.69 20.32 -1.21
N ASP B 217 25.50 21.38 -1.06
CA ASP B 217 25.05 22.75 -1.27
C ASP B 217 25.01 23.04 -2.76
N VAL B 218 23.80 23.18 -3.30
CA VAL B 218 23.64 23.41 -4.73
C VAL B 218 24.18 24.77 -5.11
N CYS B 219 24.12 25.73 -4.19
CA CYS B 219 24.75 27.01 -4.44
C CYS B 219 26.25 26.84 -4.71
N LYS B 220 26.92 26.07 -3.86
CA LYS B 220 28.34 25.84 -4.07
C LYS B 220 28.56 25.09 -5.37
N LEU B 221 27.82 23.98 -5.57
CA LEU B 221 27.99 23.20 -6.79
C LEU B 221 27.86 24.10 -8.02
N MET B 222 26.93 25.04 -7.98
CA MET B 222 26.74 25.88 -9.15
C MET B 222 27.94 26.78 -9.37
N ASN B 223 28.40 27.45 -8.31
CA ASN B 223 29.56 28.34 -8.43
C ASN B 223 30.80 27.56 -8.86
N ASP B 224 30.92 26.30 -8.41
CA ASP B 224 32.00 25.44 -8.87
C ASP B 224 31.91 25.24 -10.37
N ALA B 225 30.70 25.05 -10.89
CA ALA B 225 30.54 24.93 -12.34
C ALA B 225 30.90 26.25 -13.04
N PHE B 226 30.48 27.38 -12.46
CA PHE B 226 30.83 28.68 -13.04
C PHE B 226 32.33 28.85 -13.15
N VAL B 227 33.07 28.42 -12.13
CA VAL B 227 34.50 28.65 -12.16
C VAL B 227 35.15 27.82 -13.27
N ARG B 228 34.80 26.54 -13.37
CA ARG B 228 35.42 25.69 -14.38
C ARG B 228 35.24 26.26 -15.76
N ALA B 229 34.07 26.81 -16.06
CA ALA B 229 33.77 27.36 -17.37
C ALA B 229 34.23 28.80 -17.50
N ALA B 230 34.95 29.32 -16.51
CA ALA B 230 35.44 30.70 -16.48
C ALA B 230 34.31 31.74 -16.57
N ILE B 231 33.08 31.31 -16.30
CA ILE B 231 31.92 32.20 -16.38
C ILE B 231 32.02 33.25 -15.28
N PRO B 232 31.80 34.54 -15.59
CA PRO B 232 31.80 35.60 -14.55
C PRO B 232 30.44 35.78 -13.86
N ALA B 233 30.08 34.82 -13.02
CA ALA B 233 28.80 34.84 -12.32
C ALA B 233 28.96 34.21 -10.95
N LYS B 234 27.98 34.47 -10.10
CA LYS B 234 27.94 33.89 -8.77
C LYS B 234 26.49 33.83 -8.32
N VAL B 235 26.06 32.67 -7.82
CA VAL B 235 24.70 32.50 -7.33
C VAL B 235 24.56 33.23 -6.00
N CYS B 236 23.60 34.14 -5.91
CA CYS B 236 23.39 34.90 -4.68
C CYS B 236 22.18 34.43 -3.89
N CYS B 237 21.38 33.51 -4.44
CA CYS B 237 20.21 33.03 -3.74
C CYS B 237 19.70 31.72 -4.35
N VAL B 238 19.21 30.84 -3.48
CA VAL B 238 18.57 29.58 -3.87
C VAL B 238 17.20 29.55 -3.23
N LEU B 239 16.18 29.24 -4.02
CA LEU B 239 14.80 29.24 -3.58
C LEU B 239 14.01 28.19 -4.35
N ASN B 240 12.96 27.69 -3.71
CA ASN B 240 12.06 26.72 -4.31
C ASN B 240 11.12 27.40 -5.31
N ASP B 241 10.61 26.61 -6.28
CA ASP B 241 9.82 27.22 -7.35
C ASP B 241 8.48 27.72 -6.84
N ALA B 242 7.92 27.11 -5.79
CA ALA B 242 6.70 27.68 -5.22
C ALA B 242 6.97 29.06 -4.65
N VAL B 243 8.11 29.20 -3.97
CA VAL B 243 8.49 30.48 -3.40
C VAL B 243 8.74 31.50 -4.50
N GLY B 244 9.41 31.08 -5.59
CA GLY B 244 9.61 31.99 -6.70
C GLY B 244 8.29 32.52 -7.22
N THR B 245 7.31 31.61 -7.37
CA THR B 245 5.99 32.04 -7.83
C THR B 245 5.41 33.11 -6.91
N LEU B 246 5.55 32.93 -5.60
CA LEU B 246 5.03 33.96 -4.72
C LEU B 246 5.78 35.27 -4.91
N MET B 247 7.12 35.22 -5.00
CA MET B 247 7.88 36.46 -5.18
C MET B 247 7.46 37.17 -6.46
N SER B 248 7.23 36.40 -7.53
CA SER B 248 6.82 37.00 -8.81
C SER B 248 5.48 37.72 -8.69
N CYS B 249 4.52 37.13 -7.98
CA CYS B 249 3.21 37.75 -7.80
C CYS B 249 3.28 39.01 -6.95
N ALA B 250 4.08 39.01 -5.89
CA ALA B 250 4.16 40.24 -5.11
C ALA B 250 4.75 41.36 -5.95
N TYR B 251 5.77 41.08 -6.75
CA TYR B 251 6.40 42.13 -7.54
C TYR B 251 5.46 42.68 -8.59
N GLN B 252 4.77 41.80 -9.32
CA GLN B 252 3.82 42.22 -10.36
C GLN B 252 2.44 42.54 -9.81
N LYS B 253 2.28 42.66 -8.51
CA LYS B 253 0.96 42.87 -7.92
C LYS B 253 0.45 44.26 -8.29
N GLY B 254 -0.76 44.33 -8.83
CA GLY B 254 -1.34 45.61 -9.15
C GLY B 254 -1.65 46.41 -7.89
N ARG B 255 -1.71 47.73 -8.06
CA ARG B 255 -1.95 48.60 -6.91
C ARG B 255 -3.26 48.27 -6.22
N GLY B 256 -4.24 47.78 -6.97
CA GLY B 256 -5.54 47.49 -6.43
C GLY B 256 -5.74 46.05 -6.07
N THR B 257 -4.78 45.20 -6.35
CA THR B 257 -4.89 43.79 -6.03
C THR B 257 -4.33 43.49 -4.64
N PRO B 258 -5.07 42.71 -3.82
CA PRO B 258 -4.65 42.42 -2.41
C PRO B 258 -3.37 41.60 -2.35
N PRO B 259 -2.71 41.52 -1.18
CA PRO B 259 -1.37 40.91 -1.14
C PRO B 259 -1.38 39.40 -1.34
N CYS B 260 -0.23 38.88 -1.76
CA CYS B 260 -0.07 37.45 -2.06
C CYS B 260 0.54 36.68 -0.89
N TYR B 261 -0.22 35.70 -0.38
CA TYR B 261 0.17 34.88 0.76
C TYR B 261 0.39 33.41 0.44
N ILE B 262 0.06 32.95 -0.78
CA ILE B 262 0.22 31.53 -1.14
C ILE B 262 0.80 31.41 -2.54
N GLY B 263 1.76 30.50 -2.70
CA GLY B 263 2.26 30.15 -4.02
C GLY B 263 2.14 28.65 -4.30
N ILE B 264 1.39 28.27 -5.33
CA ILE B 264 1.13 26.87 -5.63
C ILE B 264 1.78 26.52 -6.95
N ILE B 265 2.41 25.34 -7.00
CA ILE B 265 2.91 24.78 -8.26
C ILE B 265 2.15 23.49 -8.52
N LEU B 266 1.44 23.43 -9.65
CA LEU B 266 0.70 22.26 -10.08
C LEU B 266 1.19 21.92 -11.48
N GLY B 267 2.33 21.26 -11.55
CA GLY B 267 2.96 20.97 -12.82
C GLY B 267 3.65 19.63 -12.75
N THR B 268 4.92 19.55 -13.19
CA THR B 268 5.58 18.26 -13.18
C THR B 268 5.53 17.63 -11.79
N GLY B 269 5.79 18.42 -10.74
CA GLY B 269 5.51 18.08 -9.37
C GLY B 269 4.38 18.95 -8.82
N SER B 270 4.01 18.70 -7.56
CA SER B 270 3.02 19.55 -6.90
C SER B 270 3.44 19.98 -5.50
N ASN B 271 3.40 21.29 -5.23
CA ASN B 271 3.89 21.84 -3.96
C ASN B 271 3.31 23.23 -3.72
N GLY B 272 3.56 23.76 -2.52
CA GLY B 272 3.06 25.08 -2.16
C GLY B 272 3.81 25.72 -1.02
N CYS B 273 3.90 27.05 -1.09
CA CYS B 273 4.47 27.84 0.00
C CYS B 273 3.46 28.87 0.47
N TYR B 274 3.69 29.40 1.67
CA TYR B 274 2.78 30.43 2.14
C TYR B 274 3.46 31.34 3.14
N TYR B 275 2.78 32.46 3.41
CA TYR B 275 3.21 33.43 4.40
C TYR B 275 2.61 33.04 5.75
N GLU B 276 3.47 32.70 6.70
CA GLU B 276 2.98 32.34 8.02
C GLU B 276 3.03 33.58 8.90
N PRO B 277 1.90 34.18 9.27
CA PRO B 277 1.99 35.39 10.11
C PRO B 277 2.67 35.12 11.43
N GLU B 278 2.50 33.91 11.99
CA GLU B 278 3.14 33.56 13.25
C GLU B 278 4.56 33.07 13.04
N TRP B 279 5.20 33.45 11.94
CA TRP B 279 6.49 32.88 11.58
C TRP B 279 7.52 33.06 12.70
N LYS B 280 7.52 34.24 13.35
CA LYS B 280 8.46 34.52 14.44
C LYS B 280 8.23 33.60 15.65
N LYS B 281 6.96 33.36 16.02
CA LYS B 281 6.70 32.47 17.16
C LYS B 281 7.24 31.07 16.88
N TYR B 282 7.02 30.55 15.68
CA TYR B 282 7.39 29.17 15.39
C TYR B 282 8.84 29.05 14.92
N LYS B 283 9.66 30.06 15.22
CA LYS B 283 11.12 29.97 15.11
C LYS B 283 11.63 29.98 13.66
N TYR B 284 10.95 30.66 12.75
CA TYR B 284 11.45 30.78 11.39
C TYR B 284 12.28 32.06 11.22
N ALA B 285 13.22 32.04 10.27
CA ALA B 285 14.01 33.21 9.91
C ALA B 285 13.40 33.99 8.75
N GLY B 286 12.81 33.32 7.75
CA GLY B 286 12.07 33.97 6.70
C GLY B 286 10.56 33.98 6.97
N LYS B 287 9.84 34.67 6.09
CA LYS B 287 8.40 34.86 6.18
C LYS B 287 7.60 33.83 5.38
N ILE B 288 8.27 33.12 4.47
CA ILE B 288 7.66 32.17 3.55
C ILE B 288 8.09 30.77 3.96
N ILE B 289 7.13 29.86 4.11
CA ILE B 289 7.44 28.46 4.44
C ILE B 289 7.17 27.60 3.21
N ASN B 290 8.19 26.83 2.79
CA ASN B 290 8.00 25.80 1.78
C ASN B 290 7.41 24.56 2.47
N ILE B 291 6.13 24.28 2.18
CA ILE B 291 5.43 23.20 2.89
C ILE B 291 6.00 21.85 2.48
N GLU B 292 6.28 21.68 1.19
CA GLU B 292 6.55 20.37 0.59
C GLU B 292 5.37 19.42 0.80
N PHE B 293 4.16 19.86 0.42
CA PHE B 293 3.03 18.98 0.68
C PHE B 293 2.97 17.78 -0.26
N GLY B 294 3.89 17.65 -1.21
CA GLY B 294 3.93 16.43 -2.00
C GLY B 294 4.07 15.19 -1.14
N ASN B 295 4.83 15.30 -0.06
CA ASN B 295 5.06 14.21 0.87
C ASN B 295 3.89 14.01 1.88
N PHE B 296 2.73 14.65 1.70
CA PHE B 296 1.58 14.42 2.58
C PHE B 296 1.15 12.95 2.53
N ASP B 297 0.87 12.37 3.70
CA ASP B 297 0.57 10.93 3.74
C ASP B 297 -0.57 10.52 4.67
N LYS B 298 -1.41 11.45 5.14
CA LYS B 298 -2.43 11.10 6.12
C LYS B 298 -3.76 10.80 5.43
N ASP B 299 -4.16 9.53 5.48
CA ASP B 299 -5.50 9.11 5.10
C ASP B 299 -5.79 9.35 3.62
N LEU B 300 -4.78 9.15 2.78
CA LEU B 300 -4.93 9.43 1.35
C LEU B 300 -5.98 8.53 0.70
N PRO B 301 -6.93 9.08 -0.06
CA PRO B 301 -7.90 8.23 -0.76
C PRO B 301 -7.29 7.49 -1.95
N THR B 302 -6.46 6.49 -1.67
CA THR B 302 -5.70 5.81 -2.71
C THR B 302 -6.54 4.76 -3.40
N SER B 303 -6.13 4.44 -4.64
CA SER B 303 -6.63 3.32 -5.44
C SER B 303 -5.51 2.30 -5.64
N PRO B 304 -5.84 1.05 -5.97
CA PRO B 304 -4.78 0.03 -6.12
C PRO B 304 -3.69 0.42 -7.11
N ILE B 305 -4.07 1.11 -8.19
CA ILE B 305 -3.05 1.56 -9.13
C ILE B 305 -2.05 2.48 -8.43
N ASP B 306 -2.53 3.35 -7.53
CA ASP B 306 -1.62 4.24 -6.81
C ASP B 306 -0.60 3.44 -6.00
N LEU B 307 -1.04 2.38 -5.34
CA LEU B 307 -0.10 1.55 -4.60
C LEU B 307 0.92 0.96 -5.55
N VAL B 308 0.46 0.45 -6.68
CA VAL B 308 1.39 -0.15 -7.63
C VAL B 308 2.41 0.87 -8.09
N MET B 309 1.96 2.08 -8.38
CA MET B 309 2.86 3.12 -8.89
C MET B 309 3.92 3.50 -7.87
N ASP B 310 3.53 3.64 -6.60
CA ASP B 310 4.49 3.89 -5.54
C ASP B 310 5.51 2.76 -5.44
N TRP B 311 5.04 1.50 -5.53
CA TRP B 311 5.95 0.36 -5.40
C TRP B 311 7.01 0.36 -6.50
N TYR B 312 6.66 0.79 -7.69
CA TYR B 312 7.66 0.79 -8.76
C TYR B 312 8.52 2.06 -8.76
N SER B 313 8.29 3.01 -7.87
CA SER B 313 9.04 4.25 -7.97
C SER B 313 10.44 4.08 -7.40
N ALA B 314 11.27 5.09 -7.65
CA ALA B 314 12.58 5.18 -7.02
C ALA B 314 12.54 5.85 -5.66
N ASN B 315 11.37 6.27 -5.18
CA ASN B 315 11.21 6.87 -3.85
C ASN B 315 10.02 6.24 -3.16
N ARG B 316 10.00 4.90 -3.17
CA ARG B 316 8.95 4.12 -2.55
C ARG B 316 8.64 4.63 -1.16
N SER B 317 7.34 4.77 -0.87
CA SER B 317 6.79 5.23 0.39
C SER B 317 7.01 6.73 0.64
N ARG B 318 7.52 7.47 -0.35
CA ARG B 318 7.73 8.91 -0.25
C ARG B 318 6.95 9.65 -1.34
N GLN B 319 6.62 10.91 -1.09
CA GLN B 319 5.84 11.73 -2.03
C GLN B 319 4.52 11.06 -2.43
N LEU B 320 3.82 10.48 -1.45
CA LEU B 320 2.62 9.71 -1.75
C LEU B 320 1.51 10.58 -2.32
N PHE B 321 1.29 11.76 -1.73
CA PHE B 321 0.23 12.65 -2.23
C PHE B 321 0.56 13.18 -3.63
N GLU B 322 1.81 13.58 -3.84
CA GLU B 322 2.22 14.06 -5.15
C GLU B 322 1.97 12.99 -6.20
N LYS B 323 2.20 11.72 -5.86
CA LYS B 323 2.06 10.66 -6.84
C LYS B 323 0.63 10.49 -7.30
N MET B 324 -0.32 11.05 -6.55
CA MET B 324 -1.72 10.86 -6.88
C MET B 324 -2.23 11.93 -7.84
N ILE B 325 -1.58 13.09 -7.87
CA ILE B 325 -2.15 14.27 -8.53
C ILE B 325 -1.22 14.98 -9.48
N SER B 326 0.10 14.86 -9.37
CA SER B 326 1.04 15.63 -10.16
C SER B 326 1.17 15.17 -11.62
N GLY B 327 1.74 16.05 -12.44
CA GLY B 327 1.88 15.75 -13.87
C GLY B 327 2.93 14.72 -14.21
N ALA B 328 3.93 14.51 -13.36
CA ALA B 328 4.86 13.43 -13.67
C ALA B 328 4.22 12.06 -13.55
N TYR B 329 3.00 11.95 -13.03
CA TYR B 329 2.44 10.63 -12.79
C TYR B 329 1.03 10.44 -13.36
N LEU B 330 0.33 11.50 -13.77
CA LEU B 330 -1.06 11.32 -14.20
C LEU B 330 -1.17 10.46 -15.46
N GLY B 331 -0.30 10.70 -16.44
CA GLY B 331 -0.37 9.90 -17.66
C GLY B 331 -0.22 8.41 -17.39
N GLU B 332 0.74 8.04 -16.55
CA GLU B 332 0.94 6.61 -16.27
C GLU B 332 -0.21 6.06 -15.44
N ILE B 333 -0.83 6.90 -14.60
CA ILE B 333 -2.03 6.49 -13.88
C ILE B 333 -3.18 6.20 -14.85
N VAL B 334 -3.37 7.08 -15.84
CA VAL B 334 -4.40 6.88 -16.84
C VAL B 334 -4.15 5.59 -17.62
N ARG B 335 -2.90 5.40 -18.09
CA ARG B 335 -2.58 4.20 -18.87
C ARG B 335 -2.95 2.96 -18.10
N ARG B 336 -2.53 2.88 -16.83
CA ARG B 336 -2.82 1.69 -16.04
C ARG B 336 -4.31 1.50 -15.88
N PHE B 337 -5.04 2.59 -15.67
CA PHE B 337 -6.49 2.45 -15.63
C PHE B 337 -7.03 1.98 -16.97
N MET B 338 -6.46 2.49 -18.06
CA MET B 338 -6.89 2.08 -19.41
C MET B 338 -6.86 0.57 -19.54
N VAL B 339 -5.72 -0.03 -19.18
CA VAL B 339 -5.52 -1.47 -19.33
C VAL B 339 -6.56 -2.26 -18.55
N ASN B 340 -6.88 -1.79 -17.35
CA ASN B 340 -7.80 -2.58 -16.56
C ASN B 340 -9.23 -2.55 -17.11
N VAL B 341 -9.55 -1.54 -17.91
CA VAL B 341 -10.89 -1.40 -18.52
C VAL B 341 -10.94 -2.00 -19.92
N LEU B 342 -9.96 -1.68 -20.77
CA LEU B 342 -9.94 -2.23 -22.12
C LEU B 342 -9.62 -3.72 -22.13
N GLN B 343 -9.00 -4.22 -21.07
CA GLN B 343 -8.68 -5.65 -20.89
C GLN B 343 -7.84 -6.07 -22.10
N SER B 344 -8.12 -7.22 -22.72
CA SER B 344 -7.22 -7.82 -23.71
C SER B 344 -7.22 -7.11 -25.05
N ALA B 345 -8.05 -6.09 -25.24
CA ALA B 345 -8.02 -5.28 -26.43
C ALA B 345 -6.77 -4.36 -26.53
N CYS B 346 -5.77 -4.43 -25.66
CA CYS B 346 -4.70 -3.43 -25.64
C CYS B 346 -3.50 -3.89 -26.46
N SER B 347 -2.84 -2.95 -27.13
CA SER B 347 -1.66 -3.28 -27.90
C SER B 347 -0.45 -3.49 -27.00
N LYS B 348 0.59 -4.11 -27.57
CA LYS B 348 1.79 -4.42 -26.79
C LYS B 348 2.32 -3.18 -26.06
N LYS B 349 2.23 -2.01 -26.70
CA LYS B 349 2.76 -0.79 -26.10
C LYS B 349 1.84 -0.21 -25.03
N MET B 350 0.54 -0.53 -25.05
CA MET B 350 -0.30 -0.09 -23.94
C MET B 350 0.22 -0.68 -22.63
N TRP B 351 0.89 -1.83 -22.68
CA TRP B 351 1.45 -2.41 -21.47
C TRP B 351 2.79 -1.79 -21.10
N ILE B 352 3.38 -0.98 -21.97
CA ILE B 352 4.67 -0.37 -21.68
C ILE B 352 4.50 0.90 -20.86
N SER B 353 5.25 1.02 -19.77
CA SER B 353 5.14 2.14 -18.86
C SER B 353 5.57 3.43 -19.53
N ASP B 354 4.90 4.53 -19.19
CA ASP B 354 5.21 5.86 -19.69
C ASP B 354 5.01 5.96 -21.20
N SER B 355 4.08 5.19 -21.74
CA SER B 355 3.69 5.41 -23.12
C SER B 355 2.77 6.61 -23.25
N PHE B 356 1.98 6.92 -22.21
CA PHE B 356 1.00 8.00 -22.22
C PHE B 356 1.38 9.02 -21.14
N ASN B 357 1.92 10.17 -21.59
CA ASN B 357 2.33 11.22 -20.69
C ASN B 357 1.16 12.17 -20.40
N SER B 358 1.42 13.15 -19.53
CA SER B 358 0.38 14.08 -19.09
C SER B 358 -0.01 15.11 -20.13
N GLU B 359 0.88 15.43 -21.08
CA GLU B 359 0.45 16.28 -22.20
C GLU B 359 -0.59 15.55 -23.03
N SER B 360 -0.38 14.26 -23.27
CA SER B 360 -1.40 13.50 -23.98
C SER B 360 -2.74 13.56 -23.25
N GLY B 361 -2.71 13.55 -21.92
CA GLY B 361 -3.94 13.70 -21.19
C GLY B 361 -4.55 15.07 -21.34
N SER B 362 -3.72 16.12 -21.47
CA SER B 362 -4.25 17.46 -21.68
C SER B 362 -5.01 17.54 -22.98
N VAL B 363 -4.51 16.87 -24.02
CA VAL B 363 -5.18 16.88 -25.31
C VAL B 363 -6.56 16.26 -25.22
N VAL B 364 -6.63 15.05 -24.65
CA VAL B 364 -7.91 14.35 -24.59
C VAL B 364 -8.93 15.17 -23.81
N LEU B 365 -8.51 15.77 -22.69
CA LEU B 365 -9.42 16.58 -21.90
C LEU B 365 -9.82 17.87 -22.62
N ASN B 366 -8.87 18.52 -23.28
CA ASN B 366 -9.15 19.75 -24.03
C ASN B 366 -9.32 19.44 -25.52
N ASP B 367 -10.20 18.51 -25.86
CA ASP B 367 -10.40 18.11 -27.25
C ASP B 367 -11.77 18.60 -27.70
N THR B 368 -11.77 19.48 -28.68
CA THR B 368 -13.01 20.08 -29.17
C THR B 368 -13.35 19.59 -30.58
N SER B 369 -12.67 18.54 -31.05
CA SER B 369 -12.83 17.97 -32.38
C SER B 369 -14.18 17.27 -32.58
N LYS B 370 -14.47 17.01 -33.85
CA LYS B 370 -15.58 16.16 -34.24
C LYS B 370 -15.13 14.72 -34.09
N ASN B 371 -15.99 13.91 -33.49
CA ASN B 371 -15.67 12.51 -33.19
C ASN B 371 -14.32 12.40 -32.49
N PHE B 372 -13.88 13.51 -31.88
CA PHE B 372 -12.72 13.53 -31.00
C PHE B 372 -11.46 13.06 -31.69
N GLU B 373 -11.24 13.58 -32.89
CA GLU B 373 -10.15 13.09 -33.72
C GLU B 373 -8.80 13.31 -33.05
N ASP B 374 -8.62 14.45 -32.37
CA ASP B 374 -7.34 14.72 -31.73
C ASP B 374 -7.00 13.67 -30.66
N SER B 375 -8.00 13.21 -29.90
CA SER B 375 -7.77 12.17 -28.92
C SER B 375 -7.30 10.89 -29.59
N ARG B 376 -7.93 10.54 -30.71
CA ARG B 376 -7.52 9.39 -31.51
C ARG B 376 -6.06 9.50 -31.94
N LYS B 377 -5.64 10.68 -32.38
CA LYS B 377 -4.26 10.84 -32.80
C LYS B 377 -3.32 10.59 -31.63
N VAL B 378 -3.63 11.19 -30.49
CA VAL B 378 -2.75 11.10 -29.32
C VAL B 378 -2.64 9.66 -28.85
N ALA B 379 -3.76 8.93 -28.86
CA ALA B 379 -3.72 7.53 -28.49
C ALA B 379 -2.82 6.75 -29.44
N LYS B 380 -2.92 7.02 -30.75
CA LYS B 380 -2.10 6.29 -31.71
C LYS B 380 -0.61 6.61 -31.54
N ALA B 381 -0.26 7.86 -31.23
CA ALA B 381 1.16 8.19 -31.06
C ALA B 381 1.81 7.38 -29.97
N ALA B 382 1.06 6.99 -28.95
CA ALA B 382 1.59 6.25 -27.82
C ALA B 382 1.37 4.76 -27.93
N TRP B 383 0.28 4.37 -28.57
CA TRP B 383 -0.23 3.03 -28.43
C TRP B 383 -0.44 2.25 -29.72
N ASP B 384 -0.33 2.89 -30.90
CA ASP B 384 -0.57 2.21 -32.20
C ASP B 384 -1.88 1.46 -32.18
N MET B 385 -2.95 2.17 -31.84
CA MET B 385 -4.27 1.57 -31.87
C MET B 385 -5.24 2.56 -32.51
N ASP B 386 -5.99 2.06 -33.49
CA ASP B 386 -7.08 2.80 -34.10
C ASP B 386 -8.26 2.66 -33.17
N PHE B 387 -8.42 3.62 -32.28
CA PHE B 387 -9.41 3.46 -31.22
C PHE B 387 -10.81 3.55 -31.81
N THR B 388 -11.67 2.59 -31.47
CA THR B 388 -13.09 2.67 -31.75
C THR B 388 -13.73 3.78 -30.93
N ASP B 389 -14.95 4.17 -31.31
CA ASP B 389 -15.71 5.16 -30.53
C ASP B 389 -15.95 4.71 -29.09
N GLU B 390 -16.14 3.41 -28.86
CA GLU B 390 -16.19 2.88 -27.50
C GLU B 390 -14.90 3.23 -26.76
N GLN B 391 -13.77 2.91 -27.36
CA GLN B 391 -12.49 3.03 -26.68
C GLN B 391 -12.11 4.49 -26.48
N ILE B 392 -12.46 5.36 -27.42
CA ILE B 392 -12.25 6.80 -27.25
C ILE B 392 -13.20 7.34 -26.20
N TYR B 393 -14.40 6.80 -26.09
CA TYR B 393 -15.27 7.20 -25.00
C TYR B 393 -14.59 6.89 -23.67
N VAL B 394 -13.95 5.72 -23.61
CA VAL B 394 -13.28 5.24 -22.41
C VAL B 394 -12.09 6.13 -22.04
N LEU B 395 -11.25 6.47 -23.03
CA LEU B 395 -10.09 7.31 -22.75
C LEU B 395 -10.52 8.64 -22.16
N ARG B 396 -11.66 9.14 -22.63
CA ARG B 396 -12.20 10.37 -22.11
C ARG B 396 -12.60 10.22 -20.66
N LYS B 397 -13.39 9.20 -20.35
CA LYS B 397 -13.92 9.09 -18.99
C LYS B 397 -12.82 8.81 -17.98
N ILE B 398 -11.88 7.94 -18.31
CA ILE B 398 -10.74 7.70 -17.42
C ILE B 398 -9.87 8.95 -17.32
N CYS B 399 -9.69 9.67 -18.43
CA CYS B 399 -8.93 10.91 -18.33
C CYS B 399 -9.66 11.91 -17.42
N GLU B 400 -10.98 11.98 -17.52
CA GLU B 400 -11.72 12.88 -16.63
C GLU B 400 -11.57 12.46 -15.18
N ALA B 401 -11.87 11.18 -14.89
CA ALA B 401 -11.92 10.73 -13.50
C ALA B 401 -10.60 10.97 -12.80
N VAL B 402 -9.50 10.65 -13.49
CA VAL B 402 -8.16 10.84 -12.94
C VAL B 402 -7.87 12.32 -12.73
N TYR B 403 -7.92 13.11 -13.81
CA TYR B 403 -7.53 14.51 -13.64
C TYR B 403 -8.47 15.19 -12.67
N ASN B 404 -9.75 14.85 -12.70
CA ASN B 404 -10.65 15.45 -11.73
C ASN B 404 -10.22 15.14 -10.30
N ARG B 405 -9.75 13.92 -10.06
CA ARG B 405 -9.29 13.60 -8.71
C ARG B 405 -8.10 14.50 -8.32
N SER B 406 -7.20 14.76 -9.25
CA SER B 406 -6.10 15.66 -8.95
C SER B 406 -6.61 17.06 -8.63
N ALA B 407 -7.49 17.61 -9.47
CA ALA B 407 -7.97 18.97 -9.29
C ALA B 407 -8.79 19.11 -8.01
N ALA B 408 -9.62 18.12 -7.69
CA ALA B 408 -10.36 18.23 -6.44
C ALA B 408 -9.41 18.31 -5.26
N LEU B 409 -8.46 17.37 -5.18
CA LEU B 409 -7.50 17.40 -4.08
C LEU B 409 -6.65 18.66 -4.12
N ALA B 410 -6.39 19.21 -5.31
CA ALA B 410 -5.59 20.43 -5.39
C ALA B 410 -6.32 21.60 -4.76
N ALA B 411 -7.64 21.72 -4.99
CA ALA B 411 -8.41 22.77 -4.35
C ALA B 411 -8.35 22.64 -2.84
N GLY B 412 -8.60 21.43 -2.33
CA GLY B 412 -8.57 21.25 -0.90
C GLY B 412 -7.27 21.74 -0.30
N THR B 413 -6.15 21.44 -0.95
CA THR B 413 -4.87 21.91 -0.47
C THR B 413 -4.85 23.42 -0.37
N ILE B 414 -5.19 24.10 -1.45
CA ILE B 414 -5.21 25.55 -1.42
C ILE B 414 -6.18 26.00 -0.35
N ALA B 415 -7.33 25.35 -0.25
CA ALA B 415 -8.32 25.71 0.75
C ALA B 415 -7.75 25.61 2.15
N ALA B 416 -7.06 24.51 2.44
CA ALA B 416 -6.50 24.28 3.78
C ALA B 416 -5.41 25.29 4.11
N ILE B 417 -4.53 25.59 3.14
CA ILE B 417 -3.51 26.61 3.35
C ILE B 417 -4.17 27.96 3.63
N ALA B 418 -5.20 28.28 2.85
CA ALA B 418 -5.95 29.50 3.09
C ALA B 418 -6.59 29.51 4.48
N LYS B 419 -7.15 28.37 4.92
CA LYS B 419 -7.80 28.36 6.23
C LYS B 419 -6.80 28.62 7.34
N ARG B 420 -5.59 28.06 7.26
CA ARG B 420 -4.60 28.36 8.28
C ARG B 420 -4.26 29.84 8.32
N ILE B 421 -4.14 30.48 7.15
CA ILE B 421 -3.85 31.91 7.11
C ILE B 421 -5.00 32.71 7.68
N LYS B 422 -6.24 32.34 7.33
CA LYS B 422 -7.42 33.12 7.71
C LYS B 422 -7.68 33.11 9.21
N ILE B 423 -7.17 32.12 9.94
CA ILE B 423 -7.33 32.10 11.39
C ILE B 423 -6.68 33.34 12.00
N ILE B 424 -5.54 33.74 11.47
CA ILE B 424 -4.80 34.88 12.01
C ILE B 424 -5.13 36.21 11.34
N GLU B 425 -5.38 36.24 10.03
CA GLU B 425 -5.63 37.49 9.33
C GLU B 425 -7.00 37.37 8.63
N HIS B 426 -7.84 38.40 8.76
CA HIS B 426 -9.17 38.31 8.17
C HIS B 426 -9.40 39.48 7.23
N SER B 427 -8.50 39.57 6.25
CA SER B 427 -8.53 40.55 5.18
C SER B 427 -8.55 39.76 3.87
N LYS B 428 -8.27 40.42 2.76
CA LYS B 428 -8.28 39.77 1.46
C LYS B 428 -6.85 39.44 1.10
N PHE B 429 -6.66 38.30 0.43
CA PHE B 429 -5.33 37.95 -0.08
C PHE B 429 -5.45 37.06 -1.30
N THR B 430 -4.34 36.97 -2.03
CA THR B 430 -4.27 36.32 -3.33
C THR B 430 -3.26 35.18 -3.31
N CYS B 431 -3.51 34.20 -4.19
CA CYS B 431 -2.68 33.00 -4.29
C CYS B 431 -2.29 32.78 -5.74
N GLY B 432 -0.98 32.71 -6.01
CA GLY B 432 -0.48 32.56 -7.36
C GLY B 432 -0.21 31.07 -7.68
N VAL B 433 -0.70 30.66 -8.83
CA VAL B 433 -0.63 29.26 -9.26
C VAL B 433 0.15 29.17 -10.57
N ASP B 434 1.10 28.24 -10.62
CA ASP B 434 1.96 28.03 -11.79
C ASP B 434 2.11 26.54 -12.06
N GLY B 435 2.55 26.20 -13.27
CA GLY B 435 2.80 24.80 -13.55
C GLY B 435 1.91 24.24 -14.64
N SER B 436 2.44 23.22 -15.35
CA SER B 436 1.87 22.74 -16.60
C SER B 436 0.39 22.42 -16.47
N LEU B 437 0.01 21.73 -15.40
CA LEU B 437 -1.38 21.35 -15.25
C LEU B 437 -2.28 22.56 -15.15
N PHE B 438 -1.76 23.70 -14.73
CA PHE B 438 -2.64 24.83 -14.50
C PHE B 438 -2.58 25.84 -15.63
N VAL B 439 -1.40 26.16 -16.14
CA VAL B 439 -1.32 27.16 -17.19
C VAL B 439 -1.40 26.56 -18.59
N LYS B 440 -1.06 25.28 -18.76
CA LYS B 440 -1.07 24.63 -20.07
C LYS B 440 -2.24 23.66 -20.22
N ASN B 441 -3.35 23.88 -19.53
CA ASN B 441 -4.44 22.90 -19.57
C ASN B 441 -5.74 23.59 -19.15
N ALA B 442 -6.54 23.99 -20.13
CA ALA B 442 -7.74 24.75 -19.83
C ALA B 442 -8.70 23.96 -18.97
N TRP B 443 -8.90 22.67 -19.31
CA TRP B 443 -9.88 21.87 -18.59
C TRP B 443 -9.53 21.80 -17.11
N TYR B 444 -8.26 21.52 -16.79
CA TYR B 444 -7.84 21.42 -15.40
C TYR B 444 -7.98 22.75 -14.69
N CYS B 445 -7.51 23.82 -15.33
CA CYS B 445 -7.58 25.14 -14.72
C CYS B 445 -8.99 25.46 -14.28
N LYS B 446 -9.98 25.13 -15.13
CA LYS B 446 -11.38 25.36 -14.80
C LYS B 446 -11.86 24.41 -13.72
N ARG B 447 -11.51 23.13 -13.82
CA ARG B 447 -12.02 22.18 -12.83
C ARG B 447 -11.47 22.48 -11.43
N LEU B 448 -10.19 22.86 -11.35
CA LEU B 448 -9.60 23.23 -10.07
C LEU B 448 -10.38 24.35 -9.39
N GLN B 449 -10.74 25.39 -10.17
CA GLN B 449 -11.49 26.53 -9.64
C GLN B 449 -12.93 26.18 -9.29
N GLU B 450 -13.54 25.28 -10.04
CA GLU B 450 -14.89 24.88 -9.69
C GLU B 450 -14.91 24.24 -8.30
N HIS B 451 -14.04 23.24 -8.08
CA HIS B 451 -13.96 22.62 -6.77
C HIS B 451 -13.54 23.63 -5.70
N LEU B 452 -12.61 24.51 -6.04
CA LEU B 452 -12.20 25.52 -5.07
C LEU B 452 -13.40 26.36 -4.60
N LYS B 453 -14.32 26.70 -5.52
CA LYS B 453 -15.51 27.45 -5.10
C LYS B 453 -16.40 26.63 -4.18
N VAL B 454 -16.54 25.33 -4.45
CA VAL B 454 -17.47 24.49 -3.69
C VAL B 454 -16.98 24.30 -2.26
N ILE B 455 -15.70 23.94 -2.10
CA ILE B 455 -15.21 23.63 -0.78
C ILE B 455 -15.09 24.89 0.06
N LEU B 456 -14.50 25.94 -0.50
CA LEU B 456 -14.42 27.20 0.23
C LEU B 456 -15.80 27.74 0.54
N ALA B 457 -16.79 27.43 -0.30
CA ALA B 457 -18.22 27.63 -0.01
C ALA B 457 -18.46 29.12 0.22
N ASP B 458 -18.99 29.52 1.39
CA ASP B 458 -19.32 30.93 1.64
C ASP B 458 -18.07 31.80 1.68
N LYS B 459 -16.96 31.28 2.20
CA LYS B 459 -15.69 31.99 2.35
C LYS B 459 -14.88 32.02 1.05
N ALA B 460 -15.41 31.42 -0.03
CA ALA B 460 -14.71 31.25 -1.30
C ALA B 460 -14.32 32.57 -1.95
N GLU B 461 -15.16 33.57 -1.83
CA GLU B 461 -14.97 34.87 -2.46
C GLU B 461 -13.77 35.65 -1.90
N ASN B 462 -13.25 35.26 -0.74
CA ASN B 462 -12.09 35.96 -0.19
C ASN B 462 -10.79 35.58 -0.90
N LEU B 463 -10.68 34.34 -1.37
CA LEU B 463 -9.47 33.92 -2.05
C LEU B 463 -9.65 34.14 -3.54
N ILE B 464 -8.77 34.91 -4.13
CA ILE B 464 -8.79 35.13 -5.56
C ILE B 464 -7.56 34.48 -6.13
N ILE B 465 -7.76 33.56 -7.09
CA ILE B 465 -6.69 32.83 -7.76
C ILE B 465 -6.17 33.68 -8.93
N ILE B 466 -4.88 33.86 -8.99
CA ILE B 466 -4.25 34.58 -10.14
C ILE B 466 -3.14 33.67 -10.68
N PRO B 467 -3.12 33.46 -12.02
CA PRO B 467 -2.03 32.67 -12.61
C PRO B 467 -0.74 33.46 -12.68
N ALA B 468 0.37 32.75 -12.49
CA ALA B 468 1.71 33.32 -12.55
C ALA B 468 2.52 32.45 -13.50
N ASP B 469 2.41 32.71 -14.79
CA ASP B 469 3.17 31.93 -15.75
C ASP B 469 4.64 32.26 -15.59
N ASP B 470 5.44 31.23 -15.37
CA ASP B 470 6.88 31.34 -15.17
C ASP B 470 7.22 32.20 -13.96
N GLY B 471 6.32 32.22 -12.97
CA GLY B 471 6.65 32.83 -11.69
C GLY B 471 7.84 32.15 -11.04
N SER B 472 8.03 30.86 -11.36
CA SER B 472 9.18 30.09 -10.91
C SER B 472 10.49 30.73 -11.38
N GLY B 473 10.55 31.19 -12.62
CA GLY B 473 11.76 31.80 -13.16
C GLY B 473 11.97 33.27 -12.90
N LYS B 474 10.90 34.07 -13.03
CA LYS B 474 10.99 35.50 -12.76
C LYS B 474 11.39 35.73 -11.30
N GLY B 475 10.75 34.99 -10.38
CA GLY B 475 10.93 35.24 -8.96
C GLY B 475 12.37 35.12 -8.51
N ALA B 476 13.11 34.18 -9.10
CA ALA B 476 14.52 34.08 -8.78
C ALA B 476 15.23 35.38 -9.12
N ALA B 477 14.91 35.96 -10.28
CA ALA B 477 15.51 37.23 -10.67
C ALA B 477 15.03 38.34 -9.75
N ILE B 478 13.73 38.39 -9.52
CA ILE B 478 13.17 39.39 -8.62
C ILE B 478 13.82 39.30 -7.25
N THR B 479 14.02 38.09 -6.75
CA THR B 479 14.67 37.93 -5.46
C THR B 479 16.11 38.46 -5.50
N ALA B 480 16.84 38.15 -6.57
CA ALA B 480 18.18 38.70 -6.71
C ALA B 480 18.15 40.22 -6.66
N ALA B 481 17.08 40.82 -7.18
CA ALA B 481 16.93 42.26 -7.08
C ALA B 481 16.81 42.68 -5.62
N VAL B 482 15.98 41.98 -4.84
CA VAL B 482 15.75 42.42 -3.46
C VAL B 482 17.04 42.33 -2.64
N ILE B 483 17.83 41.28 -2.84
CA ILE B 483 19.14 41.20 -2.19
C ILE B 483 20.02 42.38 -2.57
N ALA B 484 20.06 42.69 -3.87
CA ALA B 484 20.87 43.80 -4.34
C ALA B 484 20.44 45.11 -3.69
N LEU B 485 19.12 45.34 -3.62
CA LEU B 485 18.57 46.59 -3.09
C LEU B 485 18.80 46.74 -1.59
N ASN B 486 18.93 45.63 -0.85
CA ASN B 486 19.11 45.67 0.60
C ASN B 486 20.48 45.06 0.86
N ALA B 487 21.53 45.86 0.86
CA ALA B 487 22.86 45.32 1.05
C ALA B 487 23.76 46.35 1.71
N ASP B 488 24.84 45.86 2.33
CA ASP B 488 25.93 46.71 2.79
C ASP B 488 26.93 46.86 1.65
N ILE B 489 26.63 47.79 0.74
CA ILE B 489 27.41 47.95 -0.49
C ILE B 489 28.83 48.44 -0.19
C1 GLC C . -7.09 -17.24 10.61
C2 GLC C . -7.72 -17.21 11.99
C3 GLC C . -6.94 -18.06 12.92
C4 GLC C . -6.85 -19.46 12.43
C5 GLC C . -6.25 -19.55 11.03
C6 GLC C . -6.51 -20.94 10.54
O1 GLC C . -5.89 -16.63 10.73
O2 GLC C . -7.64 -15.85 12.47
O3 GLC C . -7.54 -18.07 14.25
O4 GLC C . -6.01 -20.17 13.36
O5 GLC C . -6.87 -18.62 10.08
O6 GLC C . -7.76 -21.01 9.88
C1 CIT D . -8.86 -25.35 6.02
O1 CIT D . -8.18 -25.97 5.17
O2 CIT D . -8.46 -24.23 6.42
C2 CIT D . -10.14 -25.91 6.59
C3 CIT D . -11.29 -25.71 5.61
O7 CIT D . -10.79 -25.49 4.25
C4 CIT D . -12.21 -26.93 5.59
C5 CIT D . -12.23 -27.45 4.17
O3 CIT D . -13.32 -27.63 3.59
O4 CIT D . -11.16 -27.68 3.56
C6 CIT D . -12.09 -24.48 6.07
O5 CIT D . -11.97 -23.33 5.56
O6 CIT D . -12.89 -24.65 7.00
C1 EDO E . -9.17 -4.78 23.11
O1 EDO E . -8.19 -5.79 23.03
C2 EDO E . -10.46 -5.28 23.80
O2 EDO E . -11.20 -4.21 24.34
C1 CIT F . -4.78 -3.57 -10.84
O1 CIT F . -4.43 -2.87 -11.82
O2 CIT F . -5.99 -3.49 -10.40
C2 CIT F . -3.72 -4.50 -10.22
C3 CIT F . -2.60 -4.83 -11.21
O7 CIT F . -2.58 -3.72 -12.15
C4 CIT F . -1.18 -5.01 -10.64
C5 CIT F . -0.14 -4.45 -11.60
O3 CIT F . 1.02 -4.96 -11.75
O4 CIT F . -0.41 -3.43 -12.28
C6 CIT F . -2.85 -6.24 -11.77
O5 CIT F . -3.57 -6.48 -12.80
O6 CIT F . -2.33 -7.20 -11.14
C1 EDO G . -12.48 -22.33 -2.54
O1 EDO G . -12.28 -21.44 -3.61
C2 EDO G . -11.14 -22.90 -2.08
O2 EDO G . -10.16 -22.83 -3.11
C1 GLC H . 8.48 18.33 -5.75
C2 GLC H . 9.57 19.02 -4.98
C3 GLC H . 9.11 20.35 -4.52
C4 GLC H . 8.68 21.20 -5.67
C5 GLC H . 7.54 20.49 -6.39
C6 GLC H . 7.08 21.36 -7.52
O1 GLC H . 7.48 18.18 -4.85
O2 GLC H . 9.77 18.13 -3.87
O3 GLC H . 10.17 21.03 -3.79
O4 GLC H . 8.23 22.50 -5.27
O5 GLC H . 8.01 19.19 -6.88
O6 GLC H . 8.14 21.58 -8.44
C1 PGE I . 28.70 21.53 -1.76
O1 PGE I . 29.62 20.65 -2.40
C2 PGE I . 28.64 21.20 -0.28
O2 PGE I . 29.40 22.10 0.52
C3 PGE I . 29.28 23.46 0.14
C4 PGE I . 29.32 24.39 1.32
O4 PGE I . 28.14 27.21 4.11
C6 PGE I . 28.64 25.92 3.72
C5 PGE I . 27.67 25.25 2.77
O3 PGE I . 28.16 25.18 1.43
C1 EDO J . 17.60 15.69 7.62
O1 EDO J . 17.45 16.67 8.61
C2 EDO J . 17.31 14.26 8.11
O2 EDO J . 15.99 14.04 8.61
C1 EDO K . 13.69 9.17 -6.19
O1 EDO K . 13.80 9.36 -4.81
C2 EDO K . 12.80 10.26 -6.76
O2 EDO K . 13.26 10.40 -8.04
#